data_3B6O
#
_entry.id   3B6O
#
_cell.length_a   66.619
_cell.length_b   81.337
_cell.length_c   92.706
_cell.angle_alpha   90.00
_cell.angle_beta   103.07
_cell.angle_gamma   90.00
#
_symmetry.space_group_name_H-M   'P 1 21 1'
#
loop_
_entity.id
_entity.type
_entity.pdbx_description
1 polymer 'Three prime repair exonuclease 1'
2 non-polymer 'LITHIUM ION'
3 non-polymer "THYMIDINE-5'-PHOSPHATE"
4 water water
#
_entity_poly.entity_id   1
_entity_poly.type   'polypeptide(L)'
_entity_poly.pdbx_seq_one_letter_code
;MKHHHHHHPMGHMQTLIFLDLEATGLPSSRPEVTELCLLAVHRRALENTSISQGHPPPVPRPPRVVDKLSLCIAPGKACS
PGASEITGLSKAELEVQGRQRFDDNLAILLRAFLQRQPQPCCLVAHNGDRYDFPLLQTELARLSTPSPLDGTFCVDSIAA
LKALEQASSPSGNGSRKSYSLGSIYTRLYWQAPTDSHTAEGDVLTLLSICQWKPQALLQWVDEHARPFSTVKPMYGTPAT
TGTTNLR
;
_entity_poly.pdbx_strand_id   A,B,C,D
#
loop_
_chem_comp.id
_chem_comp.type
_chem_comp.name
_chem_comp.formula
LI non-polymer 'LITHIUM ION' 'Li 1'
TMP non-polymer THYMIDINE-5'-PHOSPHATE 'C10 H15 N2 O8 P'
#
# COMPACT_ATOMS: atom_id res chain seq x y z
N GLY A 11 -42.95 -9.71 8.98
CA GLY A 11 -42.45 -9.94 7.59
C GLY A 11 -42.28 -8.65 6.83
N HIS A 12 -41.33 -7.82 7.27
CA HIS A 12 -41.14 -6.49 6.68
C HIS A 12 -39.89 -6.30 5.81
N MET A 13 -38.74 -6.79 6.27
CA MET A 13 -37.52 -6.72 5.45
C MET A 13 -37.75 -7.46 4.14
N GLN A 14 -37.69 -6.72 3.03
CA GLN A 14 -37.94 -7.31 1.71
C GLN A 14 -36.68 -7.83 1.06
N THR A 15 -35.54 -7.23 1.43
CA THR A 15 -34.24 -7.64 0.90
C THR A 15 -33.21 -7.77 2.03
N LEU A 16 -32.52 -8.90 2.06
CA LEU A 16 -31.35 -9.05 2.90
C LEU A 16 -30.09 -8.91 2.05
N ILE A 17 -29.21 -8.00 2.45
CA ILE A 17 -27.96 -7.82 1.74
C ILE A 17 -26.77 -8.29 2.56
N PHE A 18 -26.28 -9.48 2.20
CA PHE A 18 -25.13 -10.07 2.86
C PHE A 18 -23.88 -9.32 2.45
N LEU A 19 -23.14 -8.87 3.46
CA LEU A 19 -22.07 -7.92 3.28
C LEU A 19 -20.81 -8.37 3.99
N ASP A 20 -19.67 -8.20 3.34
CA ASP A 20 -18.37 -8.32 3.99
C ASP A 20 -17.39 -7.35 3.38
N LEU A 21 -16.46 -6.87 4.21
CA LEU A 21 -15.37 -6.01 3.77
C LEU A 21 -14.05 -6.70 4.07
N GLU A 22 -13.05 -6.48 3.23
CA GLU A 22 -11.67 -6.68 3.62
C GLU A 22 -11.06 -5.31 3.86
N ALA A 23 -10.11 -5.23 4.80
CA ALA A 23 -9.49 -3.96 5.15
C ALA A 23 -8.00 -4.11 5.41
N THR A 24 -7.32 -2.97 5.58
CA THR A 24 -5.87 -2.90 5.74
C THR A 24 -5.39 -3.47 7.08
N GLY A 25 -6.26 -3.45 8.09
CA GLY A 25 -5.90 -3.98 9.41
C GLY A 25 -7.03 -3.99 10.42
N LEU A 26 -6.64 -4.02 11.69
CA LEU A 26 -7.58 -4.04 12.81
C LEU A 26 -8.04 -2.63 13.18
N PRO A 27 -9.21 -2.51 13.85
CA PRO A 27 -9.79 -1.23 14.26
C PRO A 27 -8.81 -0.19 14.81
N SER A 28 -7.89 -0.60 15.67
CA SER A 28 -6.95 0.32 16.32
C SER A 28 -5.96 0.99 15.35
N SER A 29 -5.80 0.38 14.18
CA SER A 29 -4.89 0.91 13.15
C SER A 29 -5.57 1.96 12.26
N ARG A 30 -6.84 2.25 12.54
CA ARG A 30 -7.67 3.13 11.70
C ARG A 30 -7.69 2.62 10.25
N PRO A 31 -8.22 1.40 10.04
CA PRO A 31 -8.07 0.71 8.76
C PRO A 31 -8.90 1.30 7.61
N GLU A 32 -8.52 0.95 6.39
CA GLU A 32 -9.26 1.35 5.20
C GLU A 32 -9.72 0.12 4.41
N VAL A 33 -10.89 0.23 3.78
CA VAL A 33 -11.48 -0.86 3.00
C VAL A 33 -10.67 -1.16 1.74
N THR A 34 -10.43 -2.45 1.50
CA THR A 34 -9.68 -2.93 0.33
C THR A 34 -10.55 -3.77 -0.59
N GLU A 35 -11.64 -4.30 -0.06
CA GLU A 35 -12.57 -5.10 -0.83
C GLU A 35 -13.95 -5.07 -0.19
N LEU A 36 -14.99 -5.06 -1.02
CA LEU A 36 -16.36 -5.15 -0.52
C LEU A 36 -17.18 -6.09 -1.39
N CYS A 37 -18.10 -6.82 -0.74
CA CYS A 37 -19.06 -7.63 -1.47
C CYS A 37 -20.46 -7.47 -0.89
N LEU A 38 -21.42 -7.20 -1.76
CA LEU A 38 -22.82 -7.17 -1.42
C LEU A 38 -23.54 -8.30 -2.16
N LEU A 39 -24.28 -9.11 -1.43
CA LEU A 39 -25.14 -10.12 -2.04
C LEU A 39 -26.58 -9.89 -1.63
N ALA A 40 -27.39 -9.42 -2.57
CA ALA A 40 -28.79 -9.09 -2.32
C ALA A 40 -29.68 -10.28 -2.61
N VAL A 41 -30.43 -10.69 -1.60
CA VAL A 41 -31.33 -11.86 -1.69
C VAL A 41 -32.71 -11.39 -1.23
N HIS A 42 -33.72 -11.65 -2.05
CA HIS A 42 -35.10 -11.32 -1.66
C HIS A 42 -35.57 -12.24 -0.54
N ARG A 43 -36.41 -11.72 0.34
CA ARG A 43 -36.99 -12.45 1.47
C ARG A 43 -37.53 -13.83 1.06
N ARG A 44 -38.23 -13.87 -0.07
CA ARG A 44 -38.85 -15.09 -0.58
C ARG A 44 -37.83 -16.19 -0.89
N ALA A 45 -36.66 -15.81 -1.38
CA ALA A 45 -35.59 -16.75 -1.70
C ALA A 45 -35.01 -17.42 -0.45
N LEU A 46 -34.99 -16.68 0.66
CA LEU A 46 -34.56 -17.24 1.95
C LEU A 46 -35.66 -18.08 2.60
N GLU A 47 -36.88 -17.55 2.60
CA GLU A 47 -38.05 -18.28 3.11
C GLU A 47 -38.18 -19.66 2.48
N ASN A 48 -37.87 -19.75 1.18
CA ASN A 48 -38.07 -20.98 0.41
C ASN A 48 -36.82 -21.85 0.26
N THR A 49 -35.80 -21.54 1.07
CA THR A 49 -34.67 -22.44 1.25
C THR A 49 -35.11 -23.58 2.18
N SER A 50 -34.63 -24.78 1.89
CA SER A 50 -34.94 -25.95 2.71
C SER A 50 -34.39 -25.80 4.12
N ILE A 51 -35.24 -26.02 5.11
CA ILE A 51 -34.81 -26.07 6.52
C ILE A 51 -33.84 -27.25 6.66
N SER A 52 -32.68 -26.98 7.26
CA SER A 52 -31.63 -27.98 7.40
C SER A 52 -32.03 -29.15 8.28
N GLN A 53 -31.94 -30.35 7.72
CA GLN A 53 -32.14 -31.60 8.46
C GLN A 53 -30.92 -32.51 8.32
N GLY A 54 -30.67 -33.30 9.36
CA GLY A 54 -29.51 -34.19 9.38
C GLY A 54 -28.41 -33.66 10.28
N HIS A 55 -27.46 -34.51 10.60
CA HIS A 55 -26.34 -34.13 11.46
C HIS A 55 -25.02 -34.71 10.95
N PRO A 56 -24.25 -33.91 10.18
CA PRO A 56 -24.57 -32.54 9.78
C PRO A 56 -25.48 -32.47 8.55
N PRO A 57 -26.22 -31.36 8.40
CA PRO A 57 -26.98 -31.13 7.18
C PRO A 57 -26.04 -30.78 6.01
N PRO A 58 -26.49 -31.02 4.76
CA PRO A 58 -25.71 -30.56 3.61
C PRO A 58 -25.63 -29.03 3.56
N VAL A 59 -24.58 -28.51 2.92
CA VAL A 59 -24.45 -27.07 2.72
C VAL A 59 -25.56 -26.60 1.77
N PRO A 60 -26.40 -25.63 2.23
CA PRO A 60 -27.54 -25.18 1.45
C PRO A 60 -27.16 -24.59 0.09
N ARG A 61 -28.04 -24.80 -0.88
CA ARG A 61 -27.90 -24.27 -2.22
C ARG A 61 -28.22 -22.78 -2.18
N PRO A 62 -27.36 -21.94 -2.80
CA PRO A 62 -27.66 -20.52 -2.94
C PRO A 62 -28.92 -20.31 -3.78
N PRO A 63 -29.68 -19.23 -3.50
CA PRO A 63 -30.85 -18.91 -4.32
C PRO A 63 -30.46 -18.63 -5.77
N ARG A 64 -31.32 -19.00 -6.71
CA ARG A 64 -31.08 -18.74 -8.13
C ARG A 64 -31.08 -17.23 -8.41
N VAL A 65 -32.08 -16.53 -7.89
CA VAL A 65 -32.23 -15.09 -8.10
C VAL A 65 -31.46 -14.32 -7.04
N VAL A 66 -30.40 -13.66 -7.50
CA VAL A 66 -29.45 -12.98 -6.63
C VAL A 66 -28.82 -11.80 -7.39
N ASP A 67 -28.64 -10.69 -6.68
CA ASP A 67 -27.82 -9.58 -7.17
C ASP A 67 -26.50 -9.59 -6.41
N LYS A 68 -25.40 -9.56 -7.14
CA LYS A 68 -24.08 -9.61 -6.54
C LYS A 68 -23.20 -8.43 -6.98
N LEU A 69 -22.53 -7.81 -6.02
CA LEU A 69 -21.56 -6.76 -6.29
C LEU A 69 -20.27 -7.05 -5.50
N SER A 70 -19.18 -7.27 -6.23
CA SER A 70 -17.89 -7.48 -5.59
C SER A 70 -16.85 -6.54 -6.19
N LEU A 71 -16.22 -5.73 -5.33
CA LEU A 71 -15.30 -4.69 -5.81
C LEU A 71 -14.02 -4.66 -4.99
N CYS A 72 -12.89 -4.53 -5.69
CA CYS A 72 -11.60 -4.29 -5.04
C CYS A 72 -11.28 -2.80 -5.00
N ILE A 73 -10.75 -2.34 -3.86
CA ILE A 73 -10.60 -0.92 -3.58
C ILE A 73 -9.19 -0.61 -3.12
N ALA A 74 -8.54 0.36 -3.78
CA ALA A 74 -7.21 0.81 -3.39
C ALA A 74 -7.31 1.69 -2.14
N PRO A 75 -6.67 1.27 -1.03
CA PRO A 75 -6.66 2.08 0.18
C PRO A 75 -5.59 3.16 0.10
N GLY A 76 -5.72 4.20 0.92
CA GLY A 76 -4.71 5.26 1.02
C GLY A 76 -3.43 4.76 1.68
N LYS A 77 -3.59 3.91 2.69
CA LYS A 77 -2.46 3.35 3.46
C LYS A 77 -2.24 1.89 3.10
N ALA A 78 -1.04 1.38 3.38
CA ALA A 78 -0.69 -0.01 3.09
C ALA A 78 -1.44 -0.99 3.99
N CYS A 79 -1.64 -2.21 3.51
CA CYS A 79 -2.16 -3.29 4.33
C CYS A 79 -1.05 -3.76 5.26
N SER A 80 -1.42 -4.14 6.48
CA SER A 80 -0.48 -4.78 7.40
C SER A 80 -0.02 -6.10 6.77
N PRO A 81 1.21 -6.55 7.08
CA PRO A 81 1.68 -7.84 6.57
C PRO A 81 0.71 -8.99 6.84
N GLY A 82 0.13 -9.01 8.04
CA GLY A 82 -0.85 -10.02 8.44
C GLY A 82 -2.14 -9.98 7.66
N ALA A 83 -2.62 -8.76 7.37
CA ALA A 83 -3.82 -8.58 6.55
C ALA A 83 -3.59 -9.00 5.11
N SER A 84 -2.42 -8.68 4.56
CA SER A 84 -2.04 -9.13 3.22
C SER A 84 -1.97 -10.65 3.10
N GLU A 85 -1.37 -11.28 4.11
CA GLU A 85 -1.21 -12.73 4.12
C GLU A 85 -2.56 -13.47 4.10
N ILE A 86 -3.49 -13.01 4.93
CA ILE A 86 -4.79 -13.67 5.03
C ILE A 86 -5.76 -13.34 3.89
N THR A 87 -5.71 -12.10 3.40
CA THR A 87 -6.64 -11.64 2.36
C THR A 87 -6.14 -11.90 0.94
N GLY A 88 -4.82 -11.98 0.78
CA GLY A 88 -4.22 -12.12 -0.55
C GLY A 88 -4.19 -10.80 -1.32
N LEU A 89 -4.46 -9.71 -0.60
CA LEU A 89 -4.49 -8.37 -1.19
C LEU A 89 -3.41 -7.47 -0.61
N SER A 90 -2.86 -6.60 -1.47
CA SER A 90 -1.93 -5.57 -1.04
C SER A 90 -2.23 -4.28 -1.79
N LYS A 91 -1.94 -3.15 -1.16
CA LYS A 91 -2.09 -1.84 -1.78
C LYS A 91 -1.32 -1.77 -3.10
N ALA A 92 -0.10 -2.31 -3.10
CA ALA A 92 0.76 -2.35 -4.28
C ALA A 92 0.09 -3.03 -5.47
N GLU A 93 -0.51 -4.19 -5.21
CA GLU A 93 -1.16 -4.97 -6.27
C GLU A 93 -2.48 -4.33 -6.71
N LEU A 94 -3.22 -3.79 -5.75
CA LEU A 94 -4.46 -3.09 -6.06
C LEU A 94 -4.21 -1.89 -6.98
N GLU A 95 -3.10 -1.20 -6.77
CA GLU A 95 -2.76 -0.01 -7.53
C GLU A 95 -2.25 -0.28 -8.95
N VAL A 96 -1.33 -1.25 -9.08
CA VAL A 96 -0.80 -1.62 -10.39
C VAL A 96 -1.91 -2.16 -11.30
N GLN A 97 -2.98 -2.68 -10.68
CA GLN A 97 -4.15 -3.19 -11.41
C GLN A 97 -5.27 -2.14 -11.51
N GLY A 98 -4.91 -0.87 -11.31
CA GLY A 98 -5.80 0.26 -11.58
C GLY A 98 -7.02 0.43 -10.69
N ARG A 99 -6.96 -0.08 -9.46
CA ARG A 99 -8.07 0.09 -8.51
C ARG A 99 -8.17 1.52 -8.01
N GLN A 100 -9.41 1.98 -7.88
CA GLN A 100 -9.68 3.35 -7.42
C GLN A 100 -10.01 3.39 -5.94
N ARG A 101 -9.86 4.55 -5.34
CA ARG A 101 -10.14 4.79 -3.92
C ARG A 101 -11.62 4.62 -3.59
N PHE A 102 -11.92 4.58 -2.30
CA PHE A 102 -13.29 4.66 -1.82
C PHE A 102 -13.73 6.12 -2.02
N ASP A 103 -14.41 6.37 -3.14
CA ASP A 103 -14.70 7.74 -3.57
C ASP A 103 -16.18 7.98 -3.91
N ASP A 104 -16.49 9.18 -4.38
CA ASP A 104 -17.86 9.58 -4.73
C ASP A 104 -18.51 8.67 -5.78
N ASN A 105 -17.74 8.26 -6.79
CA ASN A 105 -18.24 7.35 -7.83
C ASN A 105 -18.65 5.98 -7.28
N LEU A 106 -17.91 5.50 -6.28
CA LEU A 106 -18.25 4.26 -5.58
C LEU A 106 -19.57 4.39 -4.80
N ALA A 107 -19.78 5.55 -4.18
CA ALA A 107 -21.03 5.83 -3.48
C ALA A 107 -22.24 5.82 -4.41
N ILE A 108 -22.04 6.36 -5.61
CA ILE A 108 -23.07 6.37 -6.66
C ILE A 108 -23.37 4.94 -7.14
N LEU A 109 -22.32 4.15 -7.32
CA LEU A 109 -22.43 2.74 -7.69
C LEU A 109 -23.24 1.96 -6.66
N LEU A 110 -22.91 2.16 -5.38
CA LEU A 110 -23.62 1.50 -4.29
C LEU A 110 -25.07 1.95 -4.21
N ARG A 111 -25.32 3.24 -4.39
CA ARG A 111 -26.67 3.78 -4.41
C ARG A 111 -27.54 3.12 -5.48
N ALA A 112 -27.00 2.99 -6.70
CA ALA A 112 -27.72 2.41 -7.83
C ALA A 112 -28.01 0.90 -7.63
N PHE A 113 -27.06 0.21 -7.00
CA PHE A 113 -27.23 -1.21 -6.66
C PHE A 113 -28.36 -1.37 -5.63
N LEU A 114 -28.30 -0.58 -4.55
CA LEU A 114 -29.30 -0.61 -3.49
C LEU A 114 -30.68 -0.25 -4.01
N GLN A 115 -30.72 0.72 -4.93
CA GLN A 115 -31.96 1.21 -5.56
C GLN A 115 -32.71 0.11 -6.32
N ARG A 116 -31.97 -0.87 -6.84
CA ARG A 116 -32.57 -1.99 -7.57
C ARG A 116 -33.24 -3.03 -6.67
N GLN A 117 -33.06 -2.87 -5.36
CA GLN A 117 -33.58 -3.81 -4.38
C GLN A 117 -34.87 -3.30 -3.76
N PRO A 118 -35.89 -4.18 -3.65
CA PRO A 118 -37.12 -3.79 -2.96
C PRO A 118 -36.86 -3.45 -1.49
N GLN A 119 -37.50 -2.39 -1.02
CA GLN A 119 -37.33 -1.89 0.33
C GLN A 119 -38.44 -2.45 1.25
N PRO A 120 -38.20 -2.47 2.58
CA PRO A 120 -36.96 -2.11 3.26
C PRO A 120 -35.83 -3.11 3.08
N CYS A 121 -34.60 -2.61 3.10
N CYS A 121 -34.60 -2.62 3.21
CA CYS A 121 -33.39 -3.44 2.96
CA CYS A 121 -33.41 -3.41 2.98
C CYS A 121 -32.69 -3.59 4.30
C CYS A 121 -32.56 -3.54 4.23
N CYS A 122 -32.02 -4.72 4.48
CA CYS A 122 -31.21 -4.96 5.67
C CYS A 122 -29.86 -5.56 5.34
N LEU A 123 -28.80 -4.86 5.74
CA LEU A 123 -27.44 -5.37 5.60
C LEU A 123 -27.19 -6.44 6.65
N VAL A 124 -26.55 -7.53 6.24
CA VAL A 124 -26.20 -8.62 7.15
C VAL A 124 -24.70 -8.85 7.06
N ALA A 125 -24.00 -8.70 8.19
CA ALA A 125 -22.56 -8.86 8.22
C ALA A 125 -22.12 -9.55 9.49
N HIS A 126 -21.15 -10.46 9.36
CA HIS A 126 -20.59 -11.15 10.50
C HIS A 126 -19.64 -10.22 11.25
N ASN A 127 -19.89 -10.04 12.54
CA ASN A 127 -19.16 -9.08 13.36
C ASN A 127 -19.38 -7.65 12.85
N GLY A 128 -20.53 -7.44 12.20
CA GLY A 128 -20.87 -6.16 11.58
C GLY A 128 -20.95 -5.00 12.55
N ASP A 129 -21.50 -5.25 13.74
CA ASP A 129 -21.69 -4.22 14.76
C ASP A 129 -20.37 -3.59 15.24
N ARG A 130 -19.32 -4.40 15.27
CA ARG A 130 -18.01 -3.96 15.77
C ARG A 130 -17.03 -3.62 14.66
N TYR A 131 -17.22 -4.19 13.46
CA TYR A 131 -16.27 -3.97 12.37
C TYR A 131 -16.85 -3.41 11.08
N ASP A 132 -17.54 -4.24 10.31
CA ASP A 132 -18.01 -3.86 8.97
C ASP A 132 -18.88 -2.60 8.91
N PHE A 133 -19.86 -2.48 9.80
CA PHE A 133 -20.78 -1.33 9.77
C PHE A 133 -20.09 0.00 10.16
N PRO A 134 -19.39 0.04 11.31
CA PRO A 134 -18.67 1.26 11.69
C PRO A 134 -17.60 1.69 10.67
N LEU A 135 -16.92 0.71 10.06
CA LEU A 135 -15.89 1.01 9.06
C LEU A 135 -16.51 1.61 7.81
N LEU A 136 -17.55 0.97 7.30
CA LEU A 136 -18.27 1.46 6.13
C LEU A 136 -18.85 2.85 6.39
N GLN A 137 -19.31 3.08 7.62
CA GLN A 137 -19.79 4.40 8.04
C GLN A 137 -18.69 5.45 8.00
N THR A 138 -17.48 5.07 8.46
CA THR A 138 -16.31 5.95 8.44
C THR A 138 -15.91 6.31 7.01
N GLU A 139 -15.87 5.30 6.14
CA GLU A 139 -15.49 5.50 4.74
C GLU A 139 -16.47 6.39 3.98
N LEU A 140 -17.77 6.21 4.26
CA LEU A 140 -18.81 7.03 3.65
C LEU A 140 -18.83 8.47 4.18
N ALA A 141 -18.42 8.64 5.45
CA ALA A 141 -18.35 9.95 6.08
C ALA A 141 -17.27 10.86 5.46
N ARG A 142 -16.27 10.23 4.83
CA ARG A 142 -15.22 10.95 4.12
C ARG A 142 -15.72 11.61 2.84
N LEU A 143 -16.85 11.12 2.33
CA LEU A 143 -17.37 11.54 1.03
C LEU A 143 -18.25 12.77 1.11
N SER A 144 -18.17 13.60 0.07
CA SER A 144 -18.94 14.85 -0.01
C SER A 144 -20.44 14.62 -0.25
N THR A 145 -20.75 13.58 -1.01
CA THR A 145 -22.13 13.24 -1.34
C THR A 145 -22.77 12.40 -0.23
N PRO A 146 -24.06 12.66 0.09
CA PRO A 146 -24.80 11.97 1.14
C PRO A 146 -24.71 10.44 1.06
N SER A 147 -24.68 9.79 2.23
CA SER A 147 -24.54 8.35 2.31
C SER A 147 -25.70 7.62 1.63
N PRO A 148 -25.38 6.69 0.72
CA PRO A 148 -26.39 5.87 0.05
C PRO A 148 -27.04 4.82 0.97
N LEU A 149 -26.49 4.63 2.17
CA LEU A 149 -27.01 3.65 3.12
C LEU A 149 -27.95 4.23 4.18
N ASP A 150 -28.22 5.53 4.07
CA ASP A 150 -29.25 6.18 4.86
C ASP A 150 -30.60 5.69 4.34
N GLY A 151 -31.35 5.00 5.20
CA GLY A 151 -32.62 4.41 4.79
C GLY A 151 -32.57 2.89 4.73
N THR A 152 -31.36 2.34 4.74
CA THR A 152 -31.18 0.89 4.82
C THR A 152 -30.95 0.48 6.27
N PHE A 153 -31.37 -0.75 6.60
CA PHE A 153 -31.20 -1.29 7.94
C PHE A 153 -29.97 -2.19 8.00
N CYS A 154 -29.60 -2.63 9.20
CA CYS A 154 -28.44 -3.49 9.37
C CYS A 154 -28.57 -4.42 10.57
N VAL A 155 -27.87 -5.54 10.52
CA VAL A 155 -27.90 -6.53 11.58
C VAL A 155 -26.60 -7.33 11.63
N ASP A 156 -26.17 -7.69 12.84
CA ASP A 156 -24.99 -8.51 13.02
C ASP A 156 -25.41 -9.97 13.11
N SER A 157 -24.82 -10.81 12.25
CA SER A 157 -25.18 -12.22 12.19
C SER A 157 -24.67 -13.02 13.39
N ILE A 158 -23.67 -12.50 14.11
CA ILE A 158 -23.20 -13.12 15.35
C ILE A 158 -24.32 -13.12 16.39
N ALA A 159 -24.91 -11.95 16.61
CA ALA A 159 -26.06 -11.80 17.50
C ALA A 159 -27.24 -12.66 17.05
N ALA A 160 -27.39 -12.79 15.73
CA ALA A 160 -28.43 -13.63 15.13
C ALA A 160 -28.23 -15.10 15.47
N LEU A 161 -27.04 -15.61 15.16
CA LEU A 161 -26.68 -17.00 15.42
C LEU A 161 -26.56 -17.33 16.91
N LYS A 162 -26.26 -16.32 17.72
CA LYS A 162 -26.24 -16.47 19.18
C LYS A 162 -27.66 -16.68 19.71
N ALA A 163 -28.63 -16.05 19.06
CA ALA A 163 -30.04 -16.21 19.42
C ALA A 163 -30.62 -17.52 18.88
N LEU A 164 -30.25 -17.86 17.64
CA LEU A 164 -30.74 -19.08 16.98
C LEU A 164 -30.16 -20.36 17.58
N GLU A 165 -28.85 -20.35 17.86
CA GLU A 165 -28.16 -21.49 18.45
C GLU A 165 -28.64 -21.76 19.87
N GLN A 166 -28.86 -20.69 20.63
CA GLN A 166 -29.29 -20.78 22.03
C GLN A 166 -30.81 -20.67 22.16
N ALA A 167 -31.52 -21.40 21.30
CA ALA A 167 -32.97 -21.49 21.33
C ALA A 167 -33.44 -22.85 20.83
N LYS A 177 -16.63 -22.35 21.98
CA LYS A 177 -17.25 -21.08 22.35
C LYS A 177 -17.11 -20.03 21.23
N SER A 178 -16.37 -20.39 20.18
CA SER A 178 -16.02 -19.43 19.13
C SER A 178 -17.17 -19.11 18.19
N TYR A 179 -17.33 -17.82 17.90
CA TYR A 179 -18.33 -17.35 16.98
C TYR A 179 -17.71 -16.67 15.76
N SER A 180 -16.47 -17.05 15.43
CA SER A 180 -15.86 -16.65 14.17
C SER A 180 -16.65 -17.29 13.03
N LEU A 181 -16.59 -16.66 11.85
CA LEU A 181 -17.33 -17.14 10.68
C LEU A 181 -16.99 -18.60 10.34
N GLY A 182 -15.71 -18.92 10.35
CA GLY A 182 -15.23 -20.26 10.04
C GLY A 182 -15.66 -21.31 11.05
N SER A 183 -15.59 -20.96 12.34
CA SER A 183 -15.97 -21.88 13.41
C SER A 183 -17.44 -22.29 13.31
N ILE A 184 -18.30 -21.30 13.06
CA ILE A 184 -19.74 -21.55 12.93
C ILE A 184 -20.04 -22.44 11.71
N TYR A 185 -19.41 -22.15 10.59
CA TYR A 185 -19.58 -22.93 9.36
C TYR A 185 -19.20 -24.40 9.56
N THR A 186 -18.05 -24.64 10.18
CA THR A 186 -17.57 -26.01 10.40
C THR A 186 -18.41 -26.76 11.43
N ARG A 187 -18.89 -26.04 12.44
CA ARG A 187 -19.79 -26.62 13.45
C ARG A 187 -21.11 -27.07 12.84
N LEU A 188 -21.63 -26.27 11.91
CA LEU A 188 -22.92 -26.57 11.28
C LEU A 188 -22.80 -27.64 10.20
N TYR A 189 -21.77 -27.55 9.37
CA TYR A 189 -21.67 -28.37 8.16
C TYR A 189 -20.54 -29.40 8.15
N TRP A 190 -19.73 -29.41 9.20
CA TRP A 190 -18.58 -30.33 9.33
C TRP A 190 -17.65 -30.25 8.11
N GLN A 191 -17.57 -29.04 7.54
CA GLN A 191 -16.75 -28.74 6.38
C GLN A 191 -15.99 -27.45 6.65
N ALA A 192 -14.81 -27.33 6.06
CA ALA A 192 -14.06 -26.09 6.11
C ALA A 192 -14.67 -25.08 5.13
N PRO A 193 -14.72 -23.79 5.52
CA PRO A 193 -15.17 -22.78 4.56
C PRO A 193 -14.16 -22.58 3.44
N THR A 194 -14.63 -22.20 2.25
CA THR A 194 -13.74 -21.96 1.12
C THR A 194 -13.54 -20.46 0.93
N ASP A 195 -12.33 -20.09 0.50
CA ASP A 195 -11.96 -18.70 0.17
C ASP A 195 -12.15 -17.74 1.36
N SER A 196 -11.64 -18.16 2.52
CA SER A 196 -11.69 -17.36 3.73
C SER A 196 -10.92 -16.06 3.57
N HIS A 197 -11.46 -15.00 4.18
CA HIS A 197 -10.85 -13.66 4.19
C HIS A 197 -10.76 -13.02 2.80
N THR A 198 -11.70 -13.40 1.94
CA THR A 198 -12.00 -12.67 0.71
C THR A 198 -13.46 -12.22 0.85
N ALA A 199 -13.76 -11.00 0.42
CA ALA A 199 -15.09 -10.41 0.62
C ALA A 199 -16.22 -11.29 0.09
N GLU A 200 -16.09 -11.76 -1.15
CA GLU A 200 -17.11 -12.60 -1.75
C GLU A 200 -17.13 -14.00 -1.16
N GLY A 201 -15.96 -14.53 -0.83
CA GLY A 201 -15.86 -15.83 -0.18
C GLY A 201 -16.58 -15.83 1.16
N ASP A 202 -16.32 -14.81 1.96
CA ASP A 202 -16.93 -14.68 3.28
C ASP A 202 -18.44 -14.39 3.22
N VAL A 203 -18.86 -13.65 2.19
CA VAL A 203 -20.28 -13.39 1.96
C VAL A 203 -21.03 -14.70 1.67
N LEU A 204 -20.43 -15.55 0.84
CA LEU A 204 -21.05 -16.83 0.45
C LEU A 204 -21.08 -17.81 1.60
N THR A 205 -20.07 -17.75 2.46
CA THR A 205 -20.02 -18.55 3.69
C THR A 205 -21.11 -18.07 4.66
N LEU A 206 -21.24 -16.75 4.80
CA LEU A 206 -22.27 -16.13 5.63
C LEU A 206 -23.68 -16.49 5.16
N LEU A 207 -23.89 -16.45 3.84
CA LEU A 207 -25.16 -16.87 3.22
C LEU A 207 -25.50 -18.30 3.64
N SER A 208 -24.53 -19.21 3.52
CA SER A 208 -24.72 -20.63 3.83
C SER A 208 -25.16 -20.84 5.28
N ILE A 209 -24.51 -20.13 6.20
CA ILE A 209 -24.83 -20.20 7.63
C ILE A 209 -26.23 -19.63 7.90
N CYS A 210 -26.59 -18.56 7.20
CA CYS A 210 -27.90 -17.93 7.34
C CYS A 210 -29.03 -18.72 6.70
N GLN A 211 -28.68 -19.62 5.79
CA GLN A 211 -29.65 -20.51 5.16
C GLN A 211 -29.93 -21.76 6.00
N TRP A 212 -29.19 -21.91 7.10
CA TRP A 212 -29.34 -23.05 8.01
C TRP A 212 -30.75 -23.11 8.62
N LYS A 213 -31.19 -22.00 9.20
CA LYS A 213 -32.56 -21.86 9.68
C LYS A 213 -33.13 -20.52 9.17
N PRO A 214 -33.50 -20.49 7.88
CA PRO A 214 -33.70 -19.22 7.16
C PRO A 214 -34.98 -18.47 7.55
N GLN A 215 -36.03 -19.20 7.88
CA GLN A 215 -37.27 -18.58 8.36
C GLN A 215 -37.07 -17.94 9.74
N ALA A 216 -36.43 -18.68 10.65
CA ALA A 216 -36.11 -18.19 11.98
C ALA A 216 -35.13 -17.02 11.97
N LEU A 217 -34.18 -17.04 11.04
CA LEU A 217 -33.22 -15.94 10.85
C LEU A 217 -33.94 -14.66 10.41
N LEU A 218 -34.85 -14.80 9.43
CA LEU A 218 -35.64 -13.67 8.92
C LEU A 218 -36.52 -13.02 9.97
N GLN A 219 -37.11 -13.83 10.85
CA GLN A 219 -37.95 -13.34 11.93
C GLN A 219 -37.14 -12.53 12.93
N TRP A 220 -35.96 -13.05 13.30
CA TRP A 220 -35.05 -12.37 14.22
C TRP A 220 -34.54 -11.06 13.61
N VAL A 221 -34.19 -11.08 12.33
CA VAL A 221 -33.74 -9.90 11.61
C VAL A 221 -34.82 -8.82 11.59
N ASP A 222 -36.05 -9.21 11.29
CA ASP A 222 -37.22 -8.32 11.35
C ASP A 222 -37.37 -7.61 12.68
N GLU A 223 -37.05 -8.30 13.77
CA GLU A 223 -37.25 -7.79 15.12
C GLU A 223 -36.08 -6.99 15.65
N HIS A 224 -34.89 -7.21 15.10
CA HIS A 224 -33.66 -6.67 15.66
C HIS A 224 -32.86 -5.76 14.73
N ALA A 225 -33.27 -5.69 13.46
CA ALA A 225 -32.63 -4.81 12.49
C ALA A 225 -32.73 -3.36 12.96
N ARG A 226 -31.62 -2.63 12.83
CA ARG A 226 -31.61 -1.21 13.20
C ARG A 226 -31.16 -0.36 12.00
N PRO A 227 -31.60 0.91 11.95
CA PRO A 227 -31.18 1.78 10.85
C PRO A 227 -29.66 1.94 10.84
N PHE A 228 -29.06 1.75 9.67
CA PHE A 228 -27.60 1.92 9.50
C PHE A 228 -27.17 3.32 9.91
N SER A 229 -28.06 4.29 9.74
CA SER A 229 -27.80 5.68 10.12
C SER A 229 -27.57 5.85 11.64
N THR A 230 -27.93 4.84 12.43
CA THR A 230 -27.66 4.85 13.87
C THR A 230 -26.29 4.25 14.23
N VAL A 231 -25.60 3.72 13.23
CA VAL A 231 -24.26 3.13 13.43
C VAL A 231 -23.22 4.25 13.55
N LYS A 232 -22.54 4.27 14.69
CA LYS A 232 -21.43 5.21 14.92
C LYS A 232 -20.22 4.80 14.08
N PRO A 233 -19.48 5.79 13.54
CA PRO A 233 -18.29 5.48 12.76
C PRO A 233 -17.20 4.87 13.62
N MET A 234 -16.40 3.98 13.04
CA MET A 234 -15.30 3.31 13.75
C MET A 234 -14.30 4.34 14.29
N TYR A 235 -13.92 5.28 13.42
CA TYR A 235 -13.00 6.36 13.79
C TYR A 235 -13.36 7.63 13.03
N GLY A 236 -12.92 8.77 13.55
CA GLY A 236 -13.26 10.07 12.96
C GLY A 236 -12.27 10.51 11.89
N GLY B 11 35.46 24.74 28.00
CA GLY B 11 35.28 23.84 26.82
C GLY B 11 35.89 22.46 27.06
N HIS B 12 35.14 21.43 26.67
CA HIS B 12 35.58 20.04 26.81
C HIS B 12 35.02 19.19 25.67
N MET B 13 33.69 19.02 25.63
CA MET B 13 33.03 18.20 24.61
C MET B 13 33.16 18.84 23.23
N GLN B 14 33.70 18.08 22.28
CA GLN B 14 33.91 18.56 20.91
C GLN B 14 32.75 18.19 20.00
N THR B 15 32.02 17.14 20.37
CA THR B 15 30.90 16.65 19.58
C THR B 15 29.70 16.36 20.48
N LEU B 16 28.55 16.88 20.09
CA LEU B 16 27.30 16.50 20.71
C LEU B 16 26.53 15.58 19.76
N ILE B 17 26.23 14.37 20.23
CA ILE B 17 25.44 13.45 19.45
C ILE B 17 24.02 13.39 19.99
N PHE B 18 23.10 14.02 19.27
CA PHE B 18 21.69 14.00 19.62
C PHE B 18 21.12 12.63 19.25
N LEU B 19 20.46 12.00 20.21
CA LEU B 19 20.05 10.61 20.10
C LEU B 19 18.58 10.44 20.50
N ASP B 20 17.87 9.61 19.74
CA ASP B 20 16.57 9.12 20.16
C ASP B 20 16.38 7.69 19.69
N LEU B 21 15.62 6.94 20.48
CA LEU B 21 15.25 5.57 20.17
C LEU B 21 13.73 5.47 20.08
N GLU B 22 13.26 4.65 19.16
CA GLU B 22 11.90 4.12 19.25
C GLU B 22 12.05 2.67 19.67
N ALA B 23 11.00 2.12 20.28
CA ALA B 23 11.05 0.76 20.84
C ALA B 23 9.67 0.10 20.90
N THR B 24 9.66 -1.19 21.24
CA THR B 24 8.43 -1.99 21.28
C THR B 24 7.41 -1.53 22.33
N GLY B 25 7.88 -0.80 23.33
CA GLY B 25 7.00 -0.27 24.37
C GLY B 25 7.73 0.44 25.49
N LEU B 26 7.06 0.56 26.62
CA LEU B 26 7.57 1.25 27.79
C LEU B 26 8.40 0.30 28.67
N PRO B 27 9.25 0.85 29.57
CA PRO B 27 10.20 0.10 30.40
C PRO B 27 9.65 -1.16 31.10
N SER B 28 8.41 -1.11 31.58
CA SER B 28 7.81 -2.25 32.28
C SER B 28 7.61 -3.47 31.37
N SER B 29 7.52 -3.22 30.06
CA SER B 29 7.33 -4.28 29.08
C SER B 29 8.65 -4.96 28.68
N ARG B 30 9.76 -4.47 29.23
CA ARG B 30 11.11 -4.92 28.86
C ARG B 30 11.33 -4.73 27.36
N PRO B 31 11.35 -3.47 26.89
CA PRO B 31 11.23 -3.18 25.46
C PRO B 31 12.50 -3.48 24.67
N GLU B 32 12.36 -3.56 23.36
CA GLU B 32 13.48 -3.71 22.44
C GLU B 32 13.45 -2.58 21.43
N VAL B 33 14.64 -2.08 21.07
CA VAL B 33 14.77 -0.95 20.14
C VAL B 33 14.31 -1.34 18.74
N THR B 34 13.49 -0.47 18.14
CA THR B 34 12.97 -0.67 16.79
C THR B 34 13.53 0.37 15.80
N GLU B 35 14.03 1.48 16.35
CA GLU B 35 14.58 2.57 15.55
C GLU B 35 15.56 3.38 16.38
N LEU B 36 16.65 3.81 15.74
CA LEU B 36 17.61 4.71 16.38
C LEU B 36 18.09 5.79 15.42
N CYS B 37 18.36 6.97 15.96
CA CYS B 37 18.94 8.05 15.19
C CYS B 37 20.01 8.76 16.00
N LEU B 38 21.17 8.94 15.38
CA LEU B 38 22.27 9.72 15.91
C LEU B 38 22.47 10.93 15.01
N LEU B 39 22.59 12.10 15.62
CA LEU B 39 22.89 13.32 14.88
C LEU B 39 24.07 13.99 15.55
N ALA B 40 25.23 13.90 14.91
CA ALA B 40 26.47 14.42 15.46
C ALA B 40 26.72 15.84 15.00
N VAL B 41 26.88 16.73 15.97
CA VAL B 41 27.10 18.15 15.73
C VAL B 41 28.36 18.59 16.48
N HIS B 42 29.30 19.18 15.76
CA HIS B 42 30.49 19.76 16.38
C HIS B 42 30.10 20.94 17.27
N ARG B 43 30.88 21.14 18.34
CA ARG B 43 30.67 22.22 19.31
C ARG B 43 30.46 23.60 18.69
N ARG B 44 31.28 23.94 17.71
CA ARG B 44 31.25 25.28 17.10
C ARG B 44 30.07 25.48 16.13
N ALA B 45 29.53 24.38 15.62
CA ALA B 45 28.33 24.42 14.78
C ALA B 45 27.12 24.85 15.59
N LEU B 46 27.11 24.49 16.88
CA LEU B 46 26.09 24.95 17.81
C LEU B 46 26.28 26.41 18.19
N GLU B 47 27.54 26.78 18.44
CA GLU B 47 27.90 28.16 18.79
C GLU B 47 27.58 29.16 17.66
N ASN B 48 27.72 28.70 16.42
CA ASN B 48 27.46 29.55 15.24
C ASN B 48 25.97 29.73 14.93
N THR B 49 25.10 29.13 15.75
CA THR B 49 23.67 29.44 15.71
C THR B 49 23.44 30.71 16.53
N SER B 50 22.73 31.68 15.94
CA SER B 50 22.37 32.92 16.64
C SER B 50 21.37 32.62 17.75
N ILE B 51 21.55 33.30 18.89
CA ILE B 51 20.67 33.12 20.05
C ILE B 51 19.27 33.65 19.72
N SER B 52 18.25 32.88 20.09
CA SER B 52 16.86 33.13 19.73
C SER B 52 16.37 34.56 20.01
N GLN B 53 16.05 35.28 18.93
CA GLN B 53 15.50 36.63 19.02
C GLN B 53 14.16 36.72 18.30
N GLY B 54 13.16 37.26 19.00
CA GLY B 54 11.79 37.33 18.49
C GLY B 54 10.81 36.68 19.44
N HIS B 55 9.54 37.05 19.33
CA HIS B 55 8.49 36.48 20.18
C HIS B 55 7.28 36.04 19.34
N PRO B 56 7.20 34.73 19.00
CA PRO B 56 8.22 33.71 19.26
C PRO B 56 9.33 33.72 18.21
N PRO B 57 10.50 33.16 18.55
CA PRO B 57 11.57 33.04 17.56
C PRO B 57 11.24 31.98 16.50
N PRO B 58 11.77 32.13 15.28
CA PRO B 58 11.56 31.10 14.27
C PRO B 58 12.31 29.81 14.64
N VAL B 59 11.75 28.67 14.23
CA VAL B 59 12.41 27.38 14.42
C VAL B 59 13.75 27.41 13.67
N PRO B 60 14.87 27.22 14.40
CA PRO B 60 16.19 27.38 13.83
C PRO B 60 16.51 26.34 12.75
N ARG B 61 17.33 26.76 11.80
CA ARG B 61 17.86 25.89 10.77
C ARG B 61 18.87 24.94 11.43
N PRO B 62 18.88 23.65 11.05
CA PRO B 62 19.96 22.77 11.51
C PRO B 62 21.31 23.27 10.97
N PRO B 63 22.41 23.04 11.71
CA PRO B 63 23.73 23.41 11.19
C PRO B 63 24.00 22.72 9.85
N ARG B 64 24.75 23.38 8.97
CA ARG B 64 25.06 22.82 7.66
C ARG B 64 25.89 21.54 7.76
N VAL B 65 26.93 21.59 8.60
CA VAL B 65 27.83 20.45 8.77
C VAL B 65 27.31 19.53 9.87
N VAL B 66 26.81 18.38 9.44
CA VAL B 66 26.12 17.45 10.29
C VAL B 66 26.33 16.02 9.80
N ASP B 67 26.60 15.10 10.73
CA ASP B 67 26.59 13.67 10.45
C ASP B 67 25.33 13.05 11.03
N LYS B 68 24.63 12.29 10.21
CA LYS B 68 23.38 11.66 10.62
C LYS B 68 23.33 10.18 10.29
N LEU B 69 22.88 9.39 11.26
CA LEU B 69 22.60 7.98 11.08
C LEU B 69 21.22 7.68 11.64
N SER B 70 20.33 7.19 10.77
CA SER B 70 19.00 6.75 11.20
C SER B 70 18.74 5.33 10.70
N LEU B 71 18.37 4.44 11.62
CA LEU B 71 18.25 3.02 11.29
C LEU B 71 17.01 2.38 11.91
N CYS B 72 16.34 1.55 11.11
CA CYS B 72 15.23 0.74 11.61
C CYS B 72 15.73 -0.66 11.96
N ILE B 73 15.26 -1.17 13.09
CA ILE B 73 15.76 -2.43 13.65
C ILE B 73 14.60 -3.36 13.96
N ALA B 74 14.70 -4.60 13.51
CA ALA B 74 13.70 -5.62 13.83
C ALA B 74 13.85 -6.07 15.29
N PRO B 75 12.77 -5.98 16.07
CA PRO B 75 12.82 -6.45 17.46
C PRO B 75 12.60 -7.96 17.56
N GLY B 76 12.96 -8.53 18.70
CA GLY B 76 12.70 -9.94 18.98
C GLY B 76 11.33 -10.19 19.59
N LYS B 77 10.60 -9.11 19.87
CA LYS B 77 9.24 -9.19 20.42
C LYS B 77 8.33 -8.17 19.75
N ALA B 78 7.03 -8.39 19.84
CA ALA B 78 6.05 -7.50 19.21
C ALA B 78 6.00 -6.13 19.87
N CYS B 79 5.59 -5.12 19.09
CA CYS B 79 5.30 -3.79 19.64
C CYS B 79 3.95 -3.82 20.33
N SER B 80 3.81 -3.02 21.37
CA SER B 80 2.52 -2.85 22.04
C SER B 80 1.59 -2.06 21.11
N PRO B 81 0.25 -2.22 21.27
CA PRO B 81 -0.67 -1.46 20.42
C PRO B 81 -0.39 0.04 20.45
N GLY B 82 -0.13 0.59 21.64
CA GLY B 82 0.19 2.00 21.81
C GLY B 82 1.47 2.43 21.11
N ALA B 83 2.49 1.59 21.19
CA ALA B 83 3.78 1.86 20.55
C ALA B 83 3.67 1.87 19.01
N SER B 84 2.96 0.90 18.46
CA SER B 84 2.74 0.84 17.00
C SER B 84 1.98 2.05 16.47
N GLU B 85 0.98 2.49 17.25
CA GLU B 85 0.12 3.62 16.90
C GLU B 85 0.90 4.93 16.80
N ILE B 86 1.76 5.19 17.79
CA ILE B 86 2.49 6.46 17.83
C ILE B 86 3.74 6.49 16.95
N THR B 87 4.41 5.34 16.80
CA THR B 87 5.67 5.28 16.06
C THR B 87 5.49 4.99 14.57
N GLY B 88 4.41 4.29 14.22
CA GLY B 88 4.18 3.85 12.85
C GLY B 88 5.05 2.65 12.47
N LEU B 89 5.57 1.96 13.48
CA LEU B 89 6.39 0.77 13.28
C LEU B 89 5.74 -0.45 13.93
N SER B 90 5.98 -1.61 13.35
CA SER B 90 5.58 -2.88 13.93
C SER B 90 6.65 -3.92 13.64
N LYS B 91 6.71 -4.96 14.47
CA LYS B 91 7.63 -6.07 14.27
C LYS B 91 7.44 -6.71 12.89
N ALA B 92 6.18 -6.92 12.50
CA ALA B 92 5.85 -7.56 11.23
C ALA B 92 6.35 -6.75 10.03
N GLU B 93 6.14 -5.43 10.08
CA GLU B 93 6.55 -4.53 9.01
C GLU B 93 8.06 -4.38 8.90
N LEU B 94 8.74 -4.34 10.04
CA LEU B 94 10.20 -4.30 10.06
C LEU B 94 10.80 -5.59 9.50
N GLU B 95 10.17 -6.72 9.83
CA GLU B 95 10.62 -8.02 9.34
C GLU B 95 10.39 -8.19 7.83
N VAL B 96 9.21 -7.81 7.37
CA VAL B 96 8.86 -7.95 5.95
C VAL B 96 9.70 -7.03 5.05
N GLN B 97 10.20 -5.94 5.64
CA GLN B 97 11.11 -5.03 4.93
C GLN B 97 12.59 -5.34 5.22
N GLY B 98 12.84 -6.58 5.64
CA GLY B 98 14.19 -7.13 5.78
C GLY B 98 15.10 -6.47 6.80
N ARG B 99 14.51 -5.79 7.79
CA ARG B 99 15.32 -5.15 8.84
C ARG B 99 16.02 -6.20 9.70
N GLN B 100 17.27 -5.93 10.03
CA GLN B 100 18.06 -6.87 10.82
C GLN B 100 17.96 -6.53 12.31
N ARG B 101 18.30 -7.52 13.15
CA ARG B 101 18.26 -7.36 14.60
C ARG B 101 19.35 -6.43 15.10
N PHE B 102 19.28 -6.07 16.38
CA PHE B 102 20.33 -5.32 17.06
C PHE B 102 21.51 -6.29 17.26
N ASP B 103 22.48 -6.24 16.35
CA ASP B 103 23.55 -7.26 16.32
C ASP B 103 24.96 -6.66 16.27
N ASP B 104 25.95 -7.55 16.20
CA ASP B 104 27.37 -7.17 16.14
C ASP B 104 27.68 -6.18 15.01
N ASN B 105 27.13 -6.43 13.83
CA ASN B 105 27.33 -5.53 12.67
C ASN B 105 26.85 -4.11 12.92
N LEU B 106 25.72 -3.98 13.61
CA LEU B 106 25.20 -2.69 14.01
C LEU B 106 26.14 -1.98 14.98
N ALA B 107 26.75 -2.74 15.89
CA ALA B 107 27.75 -2.22 16.82
C ALA B 107 28.97 -1.65 16.10
N ILE B 108 29.37 -2.32 15.02
CA ILE B 108 30.49 -1.89 14.18
C ILE B 108 30.13 -0.62 13.41
N LEU B 109 28.92 -0.59 12.87
CA LEU B 109 28.38 0.59 12.22
C LEU B 109 28.38 1.79 13.16
N LEU B 110 27.90 1.58 14.38
CA LEU B 110 27.88 2.61 15.41
C LEU B 110 29.28 3.08 15.78
N ARG B 111 30.19 2.12 15.97
CA ARG B 111 31.58 2.43 16.32
C ARG B 111 32.27 3.24 15.24
N ALA B 112 32.12 2.81 13.98
CA ALA B 112 32.73 3.51 12.85
C ALA B 112 32.15 4.93 12.68
N PHE B 113 30.85 5.08 12.93
CA PHE B 113 30.18 6.38 12.88
C PHE B 113 30.73 7.30 13.97
N LEU B 114 30.81 6.79 15.20
CA LEU B 114 31.35 7.52 16.33
C LEU B 114 32.82 7.89 16.15
N GLN B 115 33.58 7.00 15.51
CA GLN B 115 35.02 7.21 15.29
C GLN B 115 35.31 8.39 14.34
N ARG B 116 34.35 8.69 13.47
CA ARG B 116 34.46 9.85 12.56
C ARG B 116 34.25 11.20 13.27
N GLN B 117 33.89 11.15 14.55
CA GLN B 117 33.62 12.37 15.32
C GLN B 117 34.80 12.74 16.21
N PRO B 118 35.13 14.04 16.28
CA PRO B 118 36.17 14.51 17.20
C PRO B 118 35.78 14.29 18.66
N GLN B 119 36.74 13.81 19.46
CA GLN B 119 36.50 13.45 20.85
C GLN B 119 36.94 14.57 21.79
N PRO B 120 36.37 14.62 23.02
CA PRO B 120 35.35 13.72 23.58
C PRO B 120 33.95 13.91 22.99
N CYS B 121 33.16 12.85 23.00
N CYS B 121 33.13 12.88 23.10
CA CYS B 121 31.79 12.87 22.47
CA CYS B 121 31.81 12.85 22.50
C CYS B 121 30.77 12.78 23.61
C CYS B 121 30.73 12.72 23.57
N CYS B 122 29.68 13.53 23.48
CA CYS B 122 28.59 13.49 24.44
C CYS B 122 27.24 13.22 23.78
N LEU B 123 26.61 12.11 24.17
CA LEU B 123 25.26 11.79 23.75
C LEU B 123 24.25 12.70 24.45
N VAL B 124 23.28 13.18 23.69
CA VAL B 124 22.21 14.03 24.22
C VAL B 124 20.86 13.41 23.86
N ALA B 125 20.08 13.08 24.87
CA ALA B 125 18.79 12.41 24.68
C ALA B 125 17.75 12.88 25.67
N HIS B 126 16.52 13.10 25.18
CA HIS B 126 15.41 13.56 26.01
C HIS B 126 14.86 12.40 26.83
N ASN B 127 14.89 12.56 28.16
CA ASN B 127 14.60 11.48 29.12
C ASN B 127 15.62 10.35 28.95
N GLY B 128 16.83 10.73 28.53
CA GLY B 128 17.92 9.79 28.30
C GLY B 128 18.29 8.94 29.49
N ASP B 129 18.33 9.55 30.68
CA ASP B 129 18.76 8.86 31.90
C ASP B 129 17.80 7.77 32.37
N ARG B 130 16.51 7.92 32.05
CA ARG B 130 15.51 6.95 32.49
C ARG B 130 15.02 6.03 31.36
N TYR B 131 15.26 6.41 30.11
CA TYR B 131 14.82 5.60 28.99
C TYR B 131 15.91 5.25 27.98
N ASP B 132 16.34 6.24 27.19
CA ASP B 132 17.21 6.00 26.04
C ASP B 132 18.54 5.33 26.40
N PHE B 133 19.25 5.89 27.37
CA PHE B 133 20.57 5.37 27.75
C PHE B 133 20.50 3.95 28.35
N PRO B 134 19.64 3.72 29.38
CA PRO B 134 19.51 2.37 29.92
C PRO B 134 19.10 1.32 28.89
N LEU B 135 18.19 1.67 27.98
CA LEU B 135 17.72 0.73 26.95
C LEU B 135 18.82 0.37 25.97
N LEU B 136 19.54 1.39 25.52
CA LEU B 136 20.69 1.21 24.62
C LEU B 136 21.77 0.36 25.30
N GLN B 137 21.98 0.61 26.60
CA GLN B 137 22.92 -0.17 27.39
C GLN B 137 22.51 -1.65 27.44
N THR B 138 21.21 -1.90 27.59
CA THR B 138 20.65 -3.26 27.58
C THR B 138 20.89 -3.98 26.24
N GLU B 139 20.65 -3.27 25.13
CA GLU B 139 20.85 -3.84 23.80
C GLU B 139 22.32 -4.16 23.53
N LEU B 140 23.21 -3.27 23.94
CA LEU B 140 24.65 -3.44 23.77
C LEU B 140 25.25 -4.52 24.67
N ALA B 141 24.59 -4.79 25.80
CA ALA B 141 25.04 -5.82 26.73
C ALA B 141 24.76 -7.23 26.20
N ARG B 142 23.86 -7.33 25.22
CA ARG B 142 23.52 -8.59 24.57
C ARG B 142 24.55 -8.99 23.51
N LEU B 143 25.41 -8.05 23.14
CA LEU B 143 26.37 -8.26 22.05
C LEU B 143 27.69 -8.86 22.52
N SER B 144 28.36 -9.60 21.62
CA SER B 144 29.66 -10.20 21.91
C SER B 144 30.80 -9.21 21.77
N THR B 145 30.67 -8.30 20.81
CA THR B 145 31.68 -7.26 20.55
C THR B 145 31.70 -6.23 21.67
N PRO B 146 32.88 -5.62 21.93
CA PRO B 146 32.98 -4.50 22.86
C PRO B 146 32.01 -3.37 22.51
N SER B 147 31.43 -2.75 23.52
CA SER B 147 30.46 -1.66 23.34
C SER B 147 31.05 -0.47 22.59
N PRO B 148 30.40 -0.05 21.49
CA PRO B 148 30.85 1.10 20.68
C PRO B 148 30.80 2.43 21.41
N LEU B 149 29.98 2.52 22.47
CA LEU B 149 29.87 3.75 23.26
C LEU B 149 30.88 3.77 24.41
N ASP B 150 32.01 3.10 24.16
CA ASP B 150 33.16 3.01 25.05
C ASP B 150 33.53 4.26 25.86
N GLY B 151 34.18 5.22 25.20
CA GLY B 151 34.64 6.44 25.85
C GLY B 151 33.78 7.64 25.52
N THR B 152 32.49 7.40 25.30
CA THR B 152 31.54 8.48 25.06
C THR B 152 30.88 8.88 26.37
N PHE B 153 30.53 10.16 26.47
CA PHE B 153 29.80 10.69 27.60
C PHE B 153 28.32 10.79 27.25
N CYS B 154 27.48 11.12 28.23
CA CYS B 154 26.04 11.23 28.00
C CYS B 154 25.39 12.23 28.94
N VAL B 155 24.24 12.75 28.51
CA VAL B 155 23.51 13.74 29.29
C VAL B 155 22.01 13.74 28.94
N ASP B 156 21.18 14.02 29.94
CA ASP B 156 19.73 14.11 29.74
C ASP B 156 19.36 15.57 29.48
N SER B 157 18.73 15.82 28.32
CA SER B 157 18.36 17.18 27.95
C SER B 157 17.22 17.76 28.79
N ILE B 158 16.44 16.89 29.45
CA ILE B 158 15.45 17.35 30.43
C ILE B 158 16.17 18.06 31.56
N ALA B 159 17.22 17.43 32.08
CA ALA B 159 18.07 18.00 33.12
C ALA B 159 18.80 19.26 32.64
N ALA B 160 19.13 19.30 31.35
CA ALA B 160 19.77 20.45 30.73
C ALA B 160 18.82 21.65 30.63
N LEU B 161 17.62 21.40 30.11
CA LEU B 161 16.60 22.44 29.95
C LEU B 161 16.03 22.93 31.30
N LYS B 162 15.99 22.04 32.29
CA LYS B 162 15.56 22.39 33.65
C LYS B 162 16.56 23.29 34.37
N ALA B 163 17.80 23.32 33.87
CA ALA B 163 18.84 24.18 34.43
C ALA B 163 18.94 25.51 33.67
N LEU B 164 18.62 25.49 32.38
CA LEU B 164 18.62 26.70 31.57
C LEU B 164 17.40 27.58 31.85
N GLU B 165 16.21 26.97 31.80
CA GLU B 165 14.95 27.66 32.08
C GLU B 165 14.91 28.22 33.50
N GLN B 166 15.42 27.46 34.45
CA GLN B 166 15.51 27.88 35.85
C GLN B 166 16.89 28.46 36.14
N ALA B 167 17.17 29.61 35.53
CA ALA B 167 18.44 30.32 35.71
C ALA B 167 18.25 31.82 35.52
N LYS B 177 5.25 23.50 32.85
CA LYS B 177 5.17 22.42 33.82
C LYS B 177 5.52 21.06 33.21
N SER B 178 4.95 20.77 32.05
CA SER B 178 5.25 19.54 31.32
C SER B 178 6.60 19.67 30.61
N TYR B 179 7.47 18.71 30.83
CA TYR B 179 8.81 18.71 30.22
C TYR B 179 8.98 17.63 29.16
N SER B 180 7.86 17.18 28.58
CA SER B 180 7.90 16.31 27.41
C SER B 180 8.46 17.11 26.24
N LEU B 181 9.05 16.41 25.27
CA LEU B 181 9.67 17.02 24.11
C LEU B 181 8.73 17.99 23.39
N GLY B 182 7.49 17.55 23.19
CA GLY B 182 6.48 18.35 22.51
C GLY B 182 6.12 19.64 23.22
N SER B 183 5.99 19.56 24.55
CA SER B 183 5.59 20.71 25.37
C SER B 183 6.64 21.81 25.43
N ILE B 184 7.92 21.41 25.46
CA ILE B 184 9.03 22.36 25.46
C ILE B 184 9.12 23.08 24.11
N TYR B 185 9.02 22.31 23.03
CA TYR B 185 9.05 22.84 21.66
C TYR B 185 7.94 23.85 21.42
N THR B 186 6.72 23.52 21.85
CA THR B 186 5.55 24.37 21.67
C THR B 186 5.61 25.65 22.51
N ARG B 187 6.24 25.57 23.68
CA ARG B 187 6.46 26.75 24.52
C ARG B 187 7.48 27.72 23.92
N LEU B 188 8.53 27.15 23.31
CA LEU B 188 9.59 27.96 22.71
C LEU B 188 9.21 28.51 21.34
N TYR B 189 8.54 27.70 20.52
CA TYR B 189 8.31 28.04 19.12
C TYR B 189 6.87 28.26 18.70
N TRP B 190 5.93 27.99 19.62
CA TRP B 190 4.49 28.20 19.40
C TRP B 190 3.96 27.39 18.21
N GLN B 191 4.61 26.27 17.95
CA GLN B 191 4.26 25.35 16.86
C GLN B 191 4.38 23.93 17.37
N ALA B 192 3.57 23.03 16.80
CA ALA B 192 3.70 21.61 17.10
C ALA B 192 4.97 21.07 16.44
N PRO B 193 5.67 20.14 17.11
CA PRO B 193 6.78 19.46 16.45
C PRO B 193 6.25 18.64 15.28
N THR B 194 7.14 18.31 14.34
CA THR B 194 6.77 17.45 13.23
C THR B 194 7.40 16.07 13.40
N ASP B 195 6.77 15.06 12.81
CA ASP B 195 7.28 13.69 12.80
C ASP B 195 7.58 13.18 14.20
N SER B 196 6.63 13.40 15.12
CA SER B 196 6.72 12.95 16.51
C SER B 196 6.75 11.43 16.61
N HIS B 197 7.53 10.94 17.56
CA HIS B 197 7.68 9.50 17.82
C HIS B 197 8.25 8.71 16.63
N THR B 198 9.08 9.40 15.85
CA THR B 198 10.03 8.76 14.95
C THR B 198 11.40 9.18 15.47
N ALA B 199 12.38 8.28 15.38
CA ALA B 199 13.71 8.55 15.95
C ALA B 199 14.37 9.80 15.34
N GLU B 200 14.31 9.93 14.02
CA GLU B 200 14.92 11.08 13.35
C GLU B 200 14.13 12.36 13.61
N GLY B 201 12.80 12.26 13.59
CA GLY B 201 11.92 13.40 13.84
C GLY B 201 12.12 14.00 15.23
N ASP B 202 12.21 13.13 16.23
CA ASP B 202 12.42 13.54 17.62
C ASP B 202 13.82 14.09 17.87
N VAL B 203 14.81 13.54 17.15
CA VAL B 203 16.18 14.03 17.22
C VAL B 203 16.28 15.45 16.66
N LEU B 204 15.61 15.70 15.53
CA LEU B 204 15.57 17.02 14.91
C LEU B 204 14.80 18.02 15.77
N THR B 205 13.72 17.56 16.39
CA THR B 205 12.95 18.38 17.35
C THR B 205 13.81 18.73 18.56
N LEU B 206 14.57 17.75 19.05
CA LEU B 206 15.50 17.96 20.17
C LEU B 206 16.62 18.94 19.82
N LEU B 207 17.18 18.79 18.61
CA LEU B 207 18.21 19.70 18.13
C LEU B 207 17.72 21.15 18.12
N SER B 208 16.50 21.34 17.61
CA SER B 208 15.87 22.66 17.55
C SER B 208 15.76 23.31 18.92
N ILE B 209 15.36 22.51 19.91
CA ILE B 209 15.25 22.97 21.29
C ILE B 209 16.63 23.34 21.84
N CYS B 210 17.64 22.53 21.52
CA CYS B 210 19.01 22.76 22.00
C CYS B 210 19.73 23.91 21.29
N GLN B 211 19.17 24.38 20.19
CA GLN B 211 19.67 25.56 19.47
C GLN B 211 19.12 26.88 20.03
N TRP B 212 18.20 26.78 20.99
CA TRP B 212 17.61 27.94 21.67
C TRP B 212 18.67 28.76 22.42
N LYS B 213 19.41 28.10 23.31
CA LYS B 213 20.55 28.72 23.98
C LYS B 213 21.75 27.74 23.97
N PRO B 214 22.40 27.58 22.80
CA PRO B 214 23.45 26.58 22.63
C PRO B 214 24.71 26.84 23.46
N GLN B 215 25.05 28.12 23.64
CA GLN B 215 26.22 28.52 24.42
C GLN B 215 26.08 28.15 25.89
N ALA B 216 24.89 28.35 26.44
CA ALA B 216 24.59 27.97 27.82
C ALA B 216 24.34 26.46 27.95
N LEU B 217 23.93 25.84 26.84
CA LEU B 217 23.71 24.39 26.78
C LEU B 217 25.05 23.64 26.87
N LEU B 218 26.03 24.08 26.09
CA LEU B 218 27.35 23.43 26.05
C LEU B 218 28.10 23.54 27.37
N GLN B 219 28.02 24.71 28.01
CA GLN B 219 28.65 24.94 29.30
C GLN B 219 28.12 23.98 30.37
N TRP B 220 26.80 23.78 30.36
CA TRP B 220 26.15 22.84 31.28
C TRP B 220 26.55 21.39 30.98
N VAL B 221 26.68 21.07 29.69
CA VAL B 221 27.10 19.75 29.23
C VAL B 221 28.51 19.41 29.74
N ASP B 222 29.43 20.37 29.64
CA ASP B 222 30.81 20.20 30.10
C ASP B 222 30.89 19.90 31.60
N GLU B 223 30.00 20.52 32.37
CA GLU B 223 29.99 20.39 33.83
C GLU B 223 29.31 19.11 34.30
N HIS B 224 28.30 18.66 33.56
CA HIS B 224 27.41 17.60 34.04
C HIS B 224 27.47 16.27 33.28
N ALA B 225 28.23 16.22 32.17
CA ALA B 225 28.38 14.98 31.40
C ALA B 225 29.02 13.87 32.22
N ARG B 226 28.42 12.69 32.17
CA ARG B 226 28.95 11.50 32.84
C ARG B 226 29.31 10.45 31.80
N PRO B 227 30.30 9.58 32.11
CA PRO B 227 30.62 8.50 31.17
C PRO B 227 29.41 7.59 30.94
N PHE B 228 29.22 7.17 29.70
CA PHE B 228 28.09 6.29 29.35
C PHE B 228 28.19 4.92 30.02
N SER B 229 29.43 4.52 30.33
CA SER B 229 29.69 3.26 31.03
C SER B 229 29.10 3.22 32.45
N THR B 230 28.76 4.38 33.00
CA THR B 230 28.12 4.47 34.32
C THR B 230 26.61 4.30 34.23
N VAL B 231 26.07 4.32 33.01
CA VAL B 231 24.64 4.09 32.80
C VAL B 231 24.29 2.63 33.08
N LYS B 232 23.40 2.42 34.03
CA LYS B 232 22.90 1.09 34.36
C LYS B 232 21.86 0.63 33.32
N PRO B 233 21.93 -0.65 32.92
CA PRO B 233 20.97 -1.19 31.93
C PRO B 233 19.54 -1.16 32.46
N MET B 234 18.58 -0.95 31.56
CA MET B 234 17.17 -0.93 31.93
C MET B 234 16.73 -2.23 32.61
N TYR B 235 17.16 -3.36 32.05
CA TYR B 235 16.87 -4.68 32.59
C TYR B 235 17.92 -5.70 32.13
N GLY B 236 17.88 -6.90 32.69
CA GLY B 236 18.78 -7.98 32.30
C GLY B 236 20.21 -7.78 32.75
N GLY C 11 0.80 -3.17 -26.05
CA GLY C 11 -0.59 -3.37 -25.58
C GLY C 11 -1.32 -2.06 -25.32
N HIS C 12 -2.64 -2.13 -25.19
CA HIS C 12 -3.45 -0.94 -24.92
C HIS C 12 -4.72 -1.16 -24.07
N MET C 13 -5.44 -2.25 -24.30
CA MET C 13 -6.62 -2.57 -23.45
C MET C 13 -6.15 -2.84 -22.01
N GLN C 14 -6.58 -2.00 -21.08
CA GLN C 14 -6.15 -2.12 -19.69
C GLN C 14 -7.05 -3.08 -18.91
N THR C 15 -8.32 -3.13 -19.30
CA THR C 15 -9.31 -3.95 -18.63
C THR C 15 -10.07 -4.81 -19.63
N LEU C 16 -10.19 -6.10 -19.31
CA LEU C 16 -11.11 -6.98 -20.02
C LEU C 16 -12.32 -7.21 -19.14
N ILE C 17 -13.50 -6.99 -19.69
CA ILE C 17 -14.74 -7.23 -18.95
C ILE C 17 -15.48 -8.41 -19.57
N PHE C 18 -15.38 -9.56 -18.91
CA PHE C 18 -16.09 -10.75 -19.33
C PHE C 18 -17.57 -10.57 -19.04
N LEU C 19 -18.39 -10.83 -20.07
CA LEU C 19 -19.80 -10.51 -20.03
C LEU C 19 -20.63 -11.68 -20.54
N ASP C 20 -21.75 -11.93 -19.86
CA ASP C 20 -22.78 -12.79 -20.40
C ASP C 20 -24.15 -12.24 -20.07
N LEU C 21 -25.12 -12.56 -20.92
CA LEU C 21 -26.51 -12.25 -20.68
C LEU C 21 -27.33 -13.53 -20.66
N GLU C 22 -28.40 -13.51 -19.88
CA GLU C 22 -29.50 -14.47 -20.05
C GLU C 22 -30.70 -13.66 -20.53
N ALA C 23 -31.58 -14.30 -21.28
CA ALA C 23 -32.69 -13.60 -21.92
C ALA C 23 -33.95 -14.46 -22.06
N THR C 24 -35.01 -13.83 -22.57
CA THR C 24 -36.32 -14.48 -22.69
C THR C 24 -36.40 -15.51 -23.82
N GLY C 25 -35.46 -15.44 -24.76
CA GLY C 25 -35.41 -16.39 -25.88
C GLY C 25 -34.37 -16.07 -26.93
N LEU C 26 -34.60 -16.59 -28.13
CA LEU C 26 -33.68 -16.43 -29.24
C LEU C 26 -33.96 -15.15 -30.03
N PRO C 27 -32.98 -14.66 -30.81
CA PRO C 27 -33.09 -13.40 -31.57
C PRO C 27 -34.39 -13.20 -32.37
N SER C 28 -34.94 -14.28 -32.93
CA SER C 28 -36.17 -14.19 -33.73
C SER C 28 -37.39 -13.81 -32.90
N SER C 29 -37.34 -14.15 -31.61
CA SER C 29 -38.43 -13.84 -30.67
C SER C 29 -38.33 -12.42 -30.12
N ARG C 30 -37.32 -11.68 -30.58
CA ARG C 30 -37.00 -10.33 -30.09
C ARG C 30 -36.89 -10.31 -28.56
N PRO C 31 -35.81 -10.91 -28.03
CA PRO C 31 -35.72 -11.21 -26.60
C PRO C 31 -35.40 -9.99 -25.72
N GLU C 32 -35.69 -10.12 -24.43
CA GLU C 32 -35.31 -9.12 -23.44
C GLU C 32 -34.40 -9.75 -22.41
N VAL C 33 -33.45 -8.97 -21.90
CA VAL C 33 -32.46 -9.46 -20.93
C VAL C 33 -33.10 -9.75 -19.57
N THR C 34 -32.78 -10.92 -19.01
CA THR C 34 -33.28 -11.34 -17.71
C THR C 34 -32.17 -11.44 -16.66
N GLU C 35 -30.92 -11.51 -17.14
CA GLU C 35 -29.76 -11.57 -16.26
C GLU C 35 -28.51 -11.11 -16.99
N LEU C 36 -27.64 -10.40 -16.28
CA LEU C 36 -26.35 -9.98 -16.82
C LEU C 36 -25.26 -10.10 -15.77
N CYS C 37 -24.05 -10.37 -16.25
CA CYS C 37 -22.89 -10.41 -15.37
C CYS C 37 -21.69 -9.78 -16.05
N LEU C 38 -21.04 -8.87 -15.32
CA LEU C 38 -19.78 -8.27 -15.75
C LEU C 38 -18.68 -8.70 -14.79
N LEU C 39 -17.59 -9.19 -15.35
CA LEU C 39 -16.41 -9.55 -14.56
C LEU C 39 -15.20 -8.82 -15.13
N ALA C 40 -14.78 -7.78 -14.43
CA ALA C 40 -13.68 -6.93 -14.87
C ALA C 40 -12.35 -7.43 -14.34
N VAL C 41 -11.45 -7.74 -15.27
CA VAL C 41 -10.10 -8.21 -14.94
C VAL C 41 -9.08 -7.29 -15.62
N HIS C 42 -8.16 -6.74 -14.83
CA HIS C 42 -7.04 -5.98 -15.38
C HIS C 42 -6.14 -6.90 -16.21
N ARG C 43 -5.57 -6.37 -17.29
CA ARG C 43 -4.73 -7.14 -18.21
C ARG C 43 -3.57 -7.86 -17.53
N ARG C 44 -3.03 -7.26 -16.46
CA ARG C 44 -1.92 -7.81 -15.69
C ARG C 44 -2.32 -9.04 -14.87
N ALA C 45 -3.57 -9.06 -14.42
CA ALA C 45 -4.11 -10.18 -13.66
C ALA C 45 -4.32 -11.41 -14.53
N LEU C 46 -4.64 -11.18 -15.81
CA LEU C 46 -4.77 -12.26 -16.80
C LEU C 46 -3.42 -12.86 -17.14
N GLU C 47 -2.45 -12.00 -17.45
CA GLU C 47 -1.07 -12.40 -17.74
C GLU C 47 -0.46 -13.22 -16.61
N ASN C 48 -0.80 -12.88 -15.37
CA ASN C 48 -0.19 -13.51 -14.20
C ASN C 48 -0.84 -14.85 -13.79
N THR C 49 -1.68 -15.38 -14.67
CA THR C 49 -2.03 -16.80 -14.64
C THR C 49 -0.90 -17.53 -15.38
N SER C 50 -0.48 -18.68 -14.84
CA SER C 50 0.57 -19.48 -15.46
C SER C 50 0.16 -20.01 -16.84
N ILE C 51 1.16 -20.37 -17.65
CA ILE C 51 0.92 -21.01 -18.94
C ILE C 51 0.42 -22.42 -18.66
N SER C 52 -0.86 -22.66 -18.98
CA SER C 52 -1.54 -23.93 -18.68
C SER C 52 -0.69 -25.15 -19.03
N GLN C 53 -0.40 -25.96 -18.02
CA GLN C 53 0.51 -27.09 -18.17
C GLN C 53 -0.07 -28.35 -17.54
N GLY C 54 0.13 -29.47 -18.23
CA GLY C 54 -0.47 -30.74 -17.84
C GLY C 54 -1.53 -31.16 -18.84
N HIS C 55 -1.81 -32.45 -18.88
CA HIS C 55 -2.81 -33.00 -19.80
C HIS C 55 -3.79 -33.92 -19.08
N PRO C 56 -5.00 -33.40 -18.75
CA PRO C 56 -5.43 -32.02 -18.96
C PRO C 56 -4.96 -31.09 -17.84
N PRO C 57 -4.90 -29.77 -18.11
CA PRO C 57 -4.58 -28.83 -17.04
C PRO C 57 -5.72 -28.70 -16.04
N PRO C 58 -5.42 -28.33 -14.78
CA PRO C 58 -6.51 -28.08 -13.83
C PRO C 58 -7.22 -26.78 -14.18
N VAL C 59 -8.48 -26.67 -13.78
CA VAL C 59 -9.24 -25.44 -13.97
C VAL C 59 -8.62 -24.36 -13.09
N PRO C 60 -8.12 -23.27 -13.71
CA PRO C 60 -7.45 -22.24 -12.92
C PRO C 60 -8.42 -21.48 -12.01
N ARG C 61 -7.93 -21.04 -10.86
CA ARG C 61 -8.67 -20.12 -10.00
C ARG C 61 -8.70 -18.77 -10.71
N PRO C 62 -9.81 -18.01 -10.56
CA PRO C 62 -9.83 -16.64 -11.04
C PRO C 62 -8.70 -15.81 -10.41
N PRO C 63 -8.29 -14.70 -11.07
CA PRO C 63 -7.35 -13.80 -10.41
C PRO C 63 -7.94 -13.29 -9.10
N ARG C 64 -7.07 -12.99 -8.13
CA ARG C 64 -7.50 -12.47 -6.84
C ARG C 64 -8.22 -11.13 -6.99
N VAL C 65 -7.61 -10.20 -7.73
CA VAL C 65 -8.18 -8.87 -7.91
C VAL C 65 -9.14 -8.88 -9.09
N VAL C 66 -10.43 -8.76 -8.75
CA VAL C 66 -11.52 -8.83 -9.71
C VAL C 66 -12.69 -7.97 -9.25
N ASP C 67 -13.32 -7.27 -10.19
CA ASP C 67 -14.60 -6.60 -9.92
C ASP C 67 -15.72 -7.38 -10.59
N LYS C 68 -16.78 -7.64 -9.83
CA LYS C 68 -17.89 -8.43 -10.33
C LYS C 68 -19.24 -7.76 -10.11
N LEU C 69 -20.08 -7.78 -11.14
CA LEU C 69 -21.45 -7.32 -11.05
C LEU C 69 -22.33 -8.37 -11.70
N SER C 70 -23.26 -8.92 -10.92
CA SER C 70 -24.25 -9.85 -11.44
C SER C 70 -25.63 -9.40 -11.00
N LEU C 71 -26.54 -9.24 -11.96
CA LEU C 71 -27.86 -8.69 -11.68
C LEU C 71 -28.96 -9.46 -12.41
N CYS C 72 -30.06 -9.68 -11.71
CA CYS C 72 -31.26 -10.23 -12.33
C CYS C 72 -32.20 -9.10 -12.72
N ILE C 73 -32.86 -9.27 -13.87
CA ILE C 73 -33.65 -8.21 -14.48
C ILE C 73 -35.02 -8.75 -14.89
N ALA C 74 -36.07 -8.05 -14.47
CA ALA C 74 -37.43 -8.39 -14.88
C ALA C 74 -37.64 -7.98 -16.33
N PRO C 75 -38.06 -8.94 -17.19
CA PRO C 75 -38.37 -8.60 -18.57
C PRO C 75 -39.82 -8.12 -18.72
N GLY C 76 -40.10 -7.43 -19.82
CA GLY C 76 -41.46 -6.98 -20.13
C GLY C 76 -42.29 -8.02 -20.83
N LYS C 77 -41.63 -9.09 -21.29
CA LYS C 77 -42.28 -10.23 -21.92
C LYS C 77 -41.86 -11.53 -21.25
N ALA C 78 -42.66 -12.58 -21.41
CA ALA C 78 -42.37 -13.87 -20.79
C ALA C 78 -41.23 -14.60 -21.48
N CYS C 79 -40.49 -15.40 -20.70
CA CYS C 79 -39.47 -16.30 -21.24
C CYS C 79 -40.12 -17.45 -21.99
N SER C 80 -39.44 -17.93 -23.03
CA SER C 80 -39.90 -19.10 -23.78
C SER C 80 -39.78 -20.36 -22.90
N PRO C 81 -40.54 -21.43 -23.24
CA PRO C 81 -40.43 -22.66 -22.45
C PRO C 81 -38.98 -23.16 -22.32
N GLY C 82 -38.26 -23.17 -23.44
CA GLY C 82 -36.87 -23.62 -23.47
C GLY C 82 -35.90 -22.70 -22.75
N ALA C 83 -36.22 -21.41 -22.70
CA ALA C 83 -35.38 -20.43 -22.02
C ALA C 83 -35.43 -20.60 -20.50
N SER C 84 -36.64 -20.70 -19.95
CA SER C 84 -36.82 -20.90 -18.51
C SER C 84 -36.23 -22.23 -18.05
N GLU C 85 -36.27 -23.22 -18.93
CA GLU C 85 -35.79 -24.57 -18.64
C GLU C 85 -34.28 -24.57 -18.39
N ILE C 86 -33.53 -23.89 -19.26
CA ILE C 86 -32.07 -23.90 -19.16
C ILE C 86 -31.50 -22.85 -18.21
N THR C 87 -32.16 -21.69 -18.11
CA THR C 87 -31.67 -20.58 -17.30
C THR C 87 -32.12 -20.65 -15.84
N GLY C 88 -33.24 -21.31 -15.60
CA GLY C 88 -33.84 -21.38 -14.26
C GLY C 88 -34.45 -20.07 -13.82
N LEU C 89 -34.77 -19.20 -14.79
CA LEU C 89 -35.41 -17.92 -14.53
C LEU C 89 -36.74 -17.83 -15.26
N SER C 90 -37.69 -17.15 -14.64
CA SER C 90 -38.97 -16.85 -15.28
C SER C 90 -39.38 -15.43 -14.94
N LYS C 91 -40.23 -14.84 -15.79
CA LYS C 91 -40.74 -13.49 -15.58
C LYS C 91 -41.46 -13.37 -14.23
N ALA C 92 -42.32 -14.34 -13.93
CA ALA C 92 -43.09 -14.35 -12.69
C ALA C 92 -42.20 -14.42 -11.44
N GLU C 93 -41.14 -15.22 -11.52
CA GLU C 93 -40.20 -15.37 -10.42
C GLU C 93 -39.33 -14.13 -10.24
N LEU C 94 -38.97 -13.49 -11.36
CA LEU C 94 -38.25 -12.24 -11.33
C LEU C 94 -39.12 -11.11 -10.77
N GLU C 95 -40.40 -11.10 -11.15
CA GLU C 95 -41.34 -10.09 -10.66
C GLU C 95 -41.66 -10.26 -9.17
N VAL C 96 -41.93 -11.50 -8.77
CA VAL C 96 -42.29 -11.79 -7.37
C VAL C 96 -41.13 -11.51 -6.40
N GLN C 97 -39.89 -11.57 -6.92
CA GLN C 97 -38.71 -11.26 -6.11
C GLN C 97 -38.25 -9.81 -6.30
N GLY C 98 -39.16 -9.00 -6.82
CA GLY C 98 -39.00 -7.55 -6.89
C GLY C 98 -37.92 -7.04 -7.81
N ARG C 99 -37.59 -7.82 -8.85
CA ARG C 99 -36.59 -7.40 -9.82
C ARG C 99 -37.12 -6.27 -10.69
N GLN C 100 -36.27 -5.29 -10.95
CA GLN C 100 -36.63 -4.14 -11.75
C GLN C 100 -36.26 -4.38 -13.22
N ARG C 101 -36.89 -3.62 -14.10
CA ARG C 101 -36.66 -3.71 -15.53
C ARG C 101 -35.32 -3.09 -15.92
N PHE C 102 -34.94 -3.26 -17.18
CA PHE C 102 -33.74 -2.64 -17.73
C PHE C 102 -33.99 -1.13 -17.89
N ASP C 103 -33.58 -0.35 -16.89
CA ASP C 103 -33.93 1.08 -16.83
C ASP C 103 -32.74 2.02 -16.66
N ASP C 104 -33.02 3.31 -16.49
CA ASP C 104 -31.98 4.34 -16.37
C ASP C 104 -31.06 4.15 -15.17
N ASN C 105 -31.62 3.72 -14.04
CA ASN C 105 -30.83 3.43 -12.84
C ASN C 105 -29.81 2.31 -13.08
N LEU C 106 -30.20 1.33 -13.90
CA LEU C 106 -29.29 0.25 -14.30
C LEU C 106 -28.16 0.78 -15.19
N ALA C 107 -28.48 1.77 -16.03
CA ALA C 107 -27.47 2.42 -16.88
C ALA C 107 -26.44 3.17 -16.05
N ILE C 108 -26.91 3.86 -15.01
CA ILE C 108 -26.04 4.56 -14.06
C ILE C 108 -25.15 3.57 -13.30
N LEU C 109 -25.75 2.47 -12.85
CA LEU C 109 -25.03 1.37 -12.18
C LEU C 109 -23.91 0.85 -13.07
N LEU C 110 -24.25 0.55 -14.32
CA LEU C 110 -23.28 0.05 -15.30
C LEU C 110 -22.17 1.08 -15.57
N ARG C 111 -22.55 2.34 -15.74
CA ARG C 111 -21.58 3.42 -15.99
C ARG C 111 -20.61 3.58 -14.82
N ALA C 112 -21.15 3.61 -13.61
CA ALA C 112 -20.33 3.75 -12.39
C ALA C 112 -19.38 2.57 -12.18
N PHE C 113 -19.85 1.37 -12.50
CA PHE C 113 -19.03 0.14 -12.45
C PHE C 113 -17.89 0.22 -13.47
N LEU C 114 -18.24 0.60 -14.70
CA LEU C 114 -17.26 0.73 -15.79
C LEU C 114 -16.24 1.84 -15.52
N GLN C 115 -16.69 2.92 -14.89
CA GLN C 115 -15.82 4.05 -14.55
C GLN C 115 -14.73 3.69 -13.53
N ARG C 116 -14.99 2.66 -12.72
CA ARG C 116 -14.02 2.19 -11.72
C ARG C 116 -12.86 1.40 -12.34
N GLN C 117 -12.96 1.12 -13.63
CA GLN C 117 -11.96 0.34 -14.36
C GLN C 117 -10.99 1.24 -15.12
N PRO C 118 -9.68 0.89 -15.13
CA PRO C 118 -8.74 1.61 -15.98
C PRO C 118 -9.03 1.40 -17.47
N GLN C 119 -8.86 2.46 -18.25
CA GLN C 119 -9.27 2.49 -19.64
C GLN C 119 -8.06 2.40 -20.59
N PRO C 120 -8.27 1.95 -21.84
CA PRO C 120 -9.51 1.50 -22.46
C PRO C 120 -10.03 0.15 -21.96
N CYS C 121 -11.35 -0.05 -22.07
N CYS C 121 -11.31 -0.07 -22.19
CA CYS C 121 -11.99 -1.28 -21.64
CA CYS C 121 -12.02 -1.24 -21.70
C CYS C 121 -12.51 -2.07 -22.84
C CYS C 121 -12.55 -2.07 -22.86
N CYS C 122 -12.40 -3.39 -22.76
CA CYS C 122 -12.91 -4.28 -23.80
C CYS C 122 -13.84 -5.34 -23.21
N LEU C 123 -15.08 -5.33 -23.66
CA LEU C 123 -16.04 -6.37 -23.30
C LEU C 123 -15.70 -7.66 -24.03
N VAL C 124 -15.80 -8.78 -23.32
CA VAL C 124 -15.54 -10.09 -23.89
C VAL C 124 -16.75 -10.98 -23.64
N ALA C 125 -17.40 -11.42 -24.72
CA ALA C 125 -18.56 -12.28 -24.61
C ALA C 125 -18.53 -13.41 -25.61
N HIS C 126 -18.98 -14.58 -25.17
CA HIS C 126 -19.09 -15.75 -26.03
C HIS C 126 -20.29 -15.60 -26.95
N ASN C 127 -20.04 -15.65 -28.26
CA ASN C 127 -21.04 -15.34 -29.30
C ASN C 127 -21.56 -13.90 -29.16
N GLY C 128 -20.69 -13.02 -28.69
CA GLY C 128 -21.01 -11.62 -28.43
C GLY C 128 -21.49 -10.87 -29.66
N ASP C 129 -20.84 -11.11 -30.80
CA ASP C 129 -21.15 -10.40 -32.05
C ASP C 129 -22.55 -10.67 -32.58
N ARG C 130 -23.09 -11.87 -32.30
CA ARG C 130 -24.40 -12.25 -32.83
C ARG C 130 -25.52 -12.19 -31.78
N TYR C 131 -25.16 -12.27 -30.50
CA TYR C 131 -26.16 -12.27 -29.44
C TYR C 131 -25.99 -11.17 -28.38
N ASP C 132 -24.98 -11.30 -27.53
CA ASP C 132 -24.83 -10.45 -26.34
C ASP C 132 -24.70 -8.95 -26.64
N PHE C 133 -23.83 -8.60 -27.58
CA PHE C 133 -23.62 -7.19 -27.91
C PHE C 133 -24.82 -6.52 -28.61
N PRO C 134 -25.37 -7.15 -29.68
CA PRO C 134 -26.58 -6.57 -30.28
C PRO C 134 -27.77 -6.47 -29.34
N LEU C 135 -27.94 -7.47 -28.46
CA LEU C 135 -29.03 -7.47 -27.49
C LEU C 135 -28.84 -6.35 -26.46
N LEU C 136 -27.62 -6.22 -25.95
CA LEU C 136 -27.28 -5.18 -25.00
C LEU C 136 -27.45 -3.79 -25.60
N GLN C 137 -27.12 -3.66 -26.89
CA GLN C 137 -27.28 -2.41 -27.62
C GLN C 137 -28.76 -2.04 -27.77
N THR C 138 -29.60 -3.05 -28.03
CA THR C 138 -31.05 -2.86 -28.12
C THR C 138 -31.64 -2.38 -26.79
N GLU C 139 -31.21 -3.01 -25.69
CA GLU C 139 -31.68 -2.65 -24.35
C GLU C 139 -31.29 -1.22 -23.96
N LEU C 140 -30.05 -0.85 -24.25
CA LEU C 140 -29.53 0.48 -23.93
C LEU C 140 -30.17 1.60 -24.77
N ALA C 141 -30.54 1.28 -26.01
CA ALA C 141 -31.15 2.25 -26.92
C ALA C 141 -32.56 2.68 -26.50
N ARG C 142 -33.19 1.88 -25.65
CA ARG C 142 -34.51 2.21 -25.08
C ARG C 142 -34.42 3.29 -24.02
N LEU C 143 -33.23 3.45 -23.43
CA LEU C 143 -33.03 4.34 -22.29
C LEU C 143 -32.85 5.80 -22.70
N SER C 144 -33.13 6.71 -21.77
CA SER C 144 -33.04 8.15 -22.01
C SER C 144 -31.65 8.73 -21.70
N THR C 145 -30.93 8.05 -20.80
CA THR C 145 -29.55 8.41 -20.46
C THR C 145 -28.63 8.01 -21.62
N PRO C 146 -27.49 8.74 -21.77
CA PRO C 146 -26.47 8.29 -22.73
C PRO C 146 -26.01 6.86 -22.42
N SER C 147 -25.65 6.11 -23.46
CA SER C 147 -25.19 4.74 -23.30
C SER C 147 -23.94 4.68 -22.40
N PRO C 148 -23.97 3.85 -21.35
CA PRO C 148 -22.83 3.67 -20.45
C PRO C 148 -21.65 2.97 -21.14
N LEU C 149 -21.93 2.32 -22.27
CA LEU C 149 -20.92 1.57 -23.00
C LEU C 149 -20.27 2.35 -24.15
N ASP C 150 -20.57 3.65 -24.21
CA ASP C 150 -19.84 4.57 -25.08
C ASP C 150 -18.44 4.77 -24.52
N GLY C 151 -17.44 4.66 -25.39
CA GLY C 151 -16.04 4.73 -24.99
C GLY C 151 -15.42 3.36 -24.76
N THR C 152 -16.28 2.36 -24.58
CA THR C 152 -15.81 0.98 -24.36
C THR C 152 -15.71 0.23 -25.69
N PHE C 153 -14.85 -0.79 -25.71
CA PHE C 153 -14.67 -1.64 -26.86
C PHE C 153 -15.25 -3.02 -26.59
N CYS C 154 -15.30 -3.88 -27.61
CA CYS C 154 -15.86 -5.22 -27.46
C CYS C 154 -15.25 -6.23 -28.42
N VAL C 155 -15.34 -7.49 -28.03
CA VAL C 155 -14.71 -8.60 -28.75
C VAL C 155 -15.49 -9.89 -28.52
N ASP C 156 -15.62 -10.71 -29.58
CA ASP C 156 -16.24 -12.02 -29.48
C ASP C 156 -15.17 -13.06 -29.19
N SER C 157 -15.34 -13.80 -28.10
CA SER C 157 -14.36 -14.81 -27.69
C SER C 157 -14.30 -16.01 -28.62
N ILE C 158 -15.38 -16.29 -29.35
CA ILE C 158 -15.37 -17.36 -30.35
C ILE C 158 -14.36 -17.05 -31.45
N ALA C 159 -14.42 -15.81 -31.95
CA ALA C 159 -13.45 -15.33 -32.94
C ALA C 159 -12.03 -15.40 -32.38
N ALA C 160 -11.89 -15.01 -31.11
CA ALA C 160 -10.62 -15.08 -30.38
C ALA C 160 -10.06 -16.50 -30.34
N LEU C 161 -10.87 -17.44 -29.87
CA LEU C 161 -10.46 -18.84 -29.76
C LEU C 161 -10.15 -19.47 -31.12
N LYS C 162 -10.95 -19.15 -32.14
CA LYS C 162 -10.73 -19.64 -33.50
C LYS C 162 -9.40 -19.15 -34.09
N ALA C 163 -9.05 -17.90 -33.79
CA ALA C 163 -7.82 -17.30 -34.28
C ALA C 163 -6.58 -17.83 -33.53
N LEU C 164 -6.73 -18.07 -32.24
CA LEU C 164 -5.64 -18.62 -31.43
C LEU C 164 -5.41 -20.10 -31.70
N GLU C 165 -6.51 -20.85 -31.76
CA GLU C 165 -6.48 -22.29 -32.04
C GLU C 165 -5.85 -22.57 -33.40
N GLN C 166 -6.30 -21.84 -34.42
CA GLN C 166 -5.82 -22.02 -35.79
C GLN C 166 -4.65 -21.08 -36.08
N ALA C 167 -3.62 -21.15 -35.24
CA ALA C 167 -2.39 -20.39 -35.40
C ALA C 167 -1.17 -21.22 -35.01
N LYS C 177 -15.18 -29.55 -33.38
CA LYS C 177 -15.89 -28.75 -34.38
C LYS C 177 -16.90 -27.80 -33.74
N SER C 178 -17.55 -28.25 -32.66
CA SER C 178 -18.49 -27.42 -31.92
C SER C 178 -17.76 -26.31 -31.16
N TYR C 179 -18.25 -25.09 -31.29
CA TYR C 179 -17.67 -23.94 -30.60
C TYR C 179 -18.60 -23.37 -29.53
N SER C 180 -19.49 -24.22 -29.01
CA SER C 180 -20.30 -23.86 -27.86
C SER C 180 -19.38 -23.68 -26.66
N LEU C 181 -19.81 -22.87 -25.69
CA LEU C 181 -19.03 -22.61 -24.48
C LEU C 181 -18.68 -23.90 -23.73
N GLY C 182 -19.66 -24.79 -23.60
CA GLY C 182 -19.47 -26.07 -22.93
C GLY C 182 -18.48 -26.97 -23.64
N SER C 183 -18.56 -27.02 -24.97
CA SER C 183 -17.71 -27.89 -25.77
C SER C 183 -16.23 -27.49 -25.73
N ILE C 184 -15.97 -26.18 -25.79
CA ILE C 184 -14.60 -25.63 -25.67
C ILE C 184 -14.00 -25.94 -24.30
N TYR C 185 -14.77 -25.65 -23.25
CA TYR C 185 -14.37 -25.88 -21.86
C TYR C 185 -14.02 -27.35 -21.59
N THR C 186 -14.87 -28.26 -22.06
CA THR C 186 -14.66 -29.69 -21.85
C THR C 186 -13.47 -30.21 -22.66
N ARG C 187 -13.25 -29.66 -23.84
CA ARG C 187 -12.08 -30.01 -24.65
C ARG C 187 -10.76 -29.65 -23.97
N LEU C 188 -10.73 -28.50 -23.29
CA LEU C 188 -9.54 -28.03 -22.60
C LEU C 188 -9.36 -28.67 -21.22
N TYR C 189 -10.45 -28.83 -20.48
CA TYR C 189 -10.37 -29.23 -19.07
C TYR C 189 -10.87 -30.64 -18.74
N TRP C 190 -11.51 -31.30 -19.71
CA TRP C 190 -12.01 -32.69 -19.55
C TRP C 190 -13.07 -32.82 -18.44
N GLN C 191 -13.72 -31.70 -18.14
CA GLN C 191 -14.77 -31.61 -17.12
C GLN C 191 -15.93 -30.82 -17.70
N ALA C 192 -17.15 -31.14 -17.30
CA ALA C 192 -18.31 -30.34 -17.66
C ALA C 192 -18.25 -29.00 -16.92
N PRO C 193 -18.67 -27.91 -17.58
CA PRO C 193 -18.74 -26.63 -16.88
C PRO C 193 -19.85 -26.63 -15.82
N THR C 194 -19.72 -25.81 -14.80
CA THR C 194 -20.76 -25.70 -13.78
C THR C 194 -21.59 -24.44 -13.98
N ASP C 195 -22.82 -24.48 -13.47
CA ASP C 195 -23.77 -23.36 -13.52
C ASP C 195 -23.97 -22.81 -14.94
N SER C 196 -24.11 -23.72 -15.89
CA SER C 196 -24.35 -23.38 -17.29
C SER C 196 -25.67 -22.64 -17.48
N HIS C 197 -25.68 -21.71 -18.42
CA HIS C 197 -26.85 -20.89 -18.76
C HIS C 197 -27.33 -20.01 -17.59
N THR C 198 -26.40 -19.67 -16.71
CA THR C 198 -26.57 -18.58 -15.75
C THR C 198 -25.51 -17.55 -16.11
N ALA C 199 -25.83 -16.26 -15.96
CA ALA C 199 -24.93 -15.19 -16.41
C ALA C 199 -23.56 -15.24 -15.72
N GLU C 200 -23.55 -15.35 -14.40
CA GLU C 200 -22.29 -15.45 -13.65
C GLU C 200 -21.56 -16.76 -13.94
N GLY C 201 -22.30 -17.86 -13.95
CA GLY C 201 -21.75 -19.18 -14.23
C GLY C 201 -21.03 -19.23 -15.58
N ASP C 202 -21.69 -18.71 -16.61
CA ASP C 202 -21.12 -18.67 -17.96
C ASP C 202 -19.96 -17.70 -18.09
N VAL C 203 -20.01 -16.59 -17.34
CA VAL C 203 -18.90 -15.64 -17.30
C VAL C 203 -17.65 -16.28 -16.68
N LEU C 204 -17.83 -16.99 -15.57
CA LEU C 204 -16.74 -17.67 -14.89
C LEU C 204 -16.14 -18.79 -15.75
N THR C 205 -17.02 -19.48 -16.48
CA THR C 205 -16.61 -20.50 -17.44
C THR C 205 -15.80 -19.89 -18.58
N LEU C 206 -16.27 -18.76 -19.08
CA LEU C 206 -15.56 -18.01 -20.12
C LEU C 206 -14.18 -17.55 -19.66
N LEU C 207 -14.10 -17.03 -18.42
CA LEU C 207 -12.85 -16.61 -17.81
C LEU C 207 -11.84 -17.75 -17.84
N SER C 208 -12.28 -18.93 -17.39
CA SER C 208 -11.44 -20.13 -17.31
C SER C 208 -10.86 -20.50 -18.67
N ILE C 209 -11.70 -20.42 -19.71
CA ILE C 209 -11.28 -20.66 -21.08
C ILE C 209 -10.23 -19.63 -21.53
N CYS C 210 -10.46 -18.37 -21.20
CA CYS C 210 -9.56 -17.27 -21.59
C CYS C 210 -8.25 -17.22 -20.81
N GLN C 211 -8.18 -18.00 -19.72
CA GLN C 211 -6.95 -18.14 -18.93
C GLN C 211 -6.01 -19.21 -19.48
N TRP C 212 -6.46 -19.92 -20.52
CA TRP C 212 -5.68 -20.96 -21.17
C TRP C 212 -4.42 -20.39 -21.85
N LYS C 213 -4.61 -19.35 -22.67
CA LYS C 213 -3.50 -18.63 -23.30
C LYS C 213 -3.75 -17.13 -23.18
N PRO C 214 -3.60 -16.56 -21.97
CA PRO C 214 -4.00 -15.17 -21.74
C PRO C 214 -3.13 -14.13 -22.44
N GLN C 215 -1.82 -14.39 -22.53
CA GLN C 215 -0.88 -13.49 -23.21
C GLN C 215 -1.20 -13.35 -24.70
N ALA C 216 -1.51 -14.47 -25.34
CA ALA C 216 -1.89 -14.49 -26.75
C ALA C 216 -3.29 -13.93 -26.96
N LEU C 217 -4.15 -14.10 -25.95
CA LEU C 217 -5.52 -13.58 -25.99
C LEU C 217 -5.54 -12.05 -25.98
N LEU C 218 -4.79 -11.47 -25.05
CA LEU C 218 -4.68 -10.01 -24.94
C LEU C 218 -4.05 -9.38 -26.18
N GLN C 219 -3.04 -10.04 -26.74
CA GLN C 219 -2.43 -9.64 -28.00
C GLN C 219 -3.48 -9.58 -29.12
N TRP C 220 -4.31 -10.61 -29.20
CA TRP C 220 -5.40 -10.67 -30.17
C TRP C 220 -6.46 -9.60 -29.90
N VAL C 221 -6.80 -9.39 -28.62
CA VAL C 221 -7.80 -8.40 -28.22
C VAL C 221 -7.38 -6.98 -28.65
N ASP C 222 -6.13 -6.62 -28.42
CA ASP C 222 -5.60 -5.31 -28.81
C ASP C 222 -5.67 -5.11 -30.33
N GLU C 223 -5.55 -6.21 -31.07
CA GLU C 223 -5.58 -6.20 -32.53
C GLU C 223 -6.99 -6.10 -33.12
N HIS C 224 -7.99 -6.64 -32.41
CA HIS C 224 -9.32 -6.81 -32.97
C HIS C 224 -10.47 -6.09 -32.24
N ALA C 225 -10.19 -5.49 -31.09
CA ALA C 225 -11.19 -4.74 -30.33
C ALA C 225 -11.79 -3.61 -31.18
N ARG C 226 -13.11 -3.57 -31.23
CA ARG C 226 -13.84 -2.53 -31.96
C ARG C 226 -14.74 -1.76 -31.00
N PRO C 227 -15.02 -0.47 -31.29
CA PRO C 227 -15.94 0.31 -30.45
C PRO C 227 -17.30 -0.37 -30.33
N PHE C 228 -17.85 -0.41 -29.12
CA PHE C 228 -19.18 -0.99 -28.88
C PHE C 228 -20.27 -0.18 -29.58
N SER C 229 -19.98 1.09 -29.87
CA SER C 229 -20.88 1.97 -30.60
C SER C 229 -21.10 1.55 -32.07
N THR C 230 -20.18 0.75 -32.60
CA THR C 230 -20.31 0.22 -33.97
C THR C 230 -21.19 -1.04 -34.03
N VAL C 231 -21.57 -1.56 -32.86
CA VAL C 231 -22.43 -2.75 -32.78
C VAL C 231 -23.88 -2.38 -33.11
N LYS C 232 -24.41 -3.01 -34.15
CA LYS C 232 -25.80 -2.81 -34.56
C LYS C 232 -26.76 -3.50 -33.58
N PRO C 233 -27.86 -2.81 -33.21
CA PRO C 233 -28.85 -3.40 -32.31
C PRO C 233 -29.48 -4.65 -32.93
N MET C 234 -29.84 -5.60 -32.06
CA MET C 234 -30.47 -6.86 -32.51
C MET C 234 -31.79 -6.59 -33.22
N TYR C 235 -32.58 -5.69 -32.64
CA TYR C 235 -33.85 -5.24 -33.23
C TYR C 235 -34.20 -3.83 -32.77
N GLY C 236 -35.16 -3.20 -33.45
CA GLY C 236 -35.59 -1.85 -33.11
C GLY C 236 -34.61 -0.80 -33.59
N GLY D 11 11.04 -8.87 -10.80
CA GLY D 11 11.17 -8.32 -9.43
C GLY D 11 12.26 -9.00 -8.63
N HIS D 12 13.41 -8.33 -8.50
CA HIS D 12 14.56 -8.94 -7.82
C HIS D 12 15.45 -8.02 -6.98
N MET D 13 15.49 -6.72 -7.28
CA MET D 13 16.18 -5.77 -6.40
C MET D 13 15.40 -5.63 -5.11
N GLN D 14 16.02 -6.02 -3.99
CA GLN D 14 15.35 -6.02 -2.70
C GLN D 14 15.46 -4.68 -1.98
N THR D 15 16.57 -3.98 -2.22
CA THR D 15 16.80 -2.64 -1.66
C THR D 15 17.18 -1.65 -2.76
N LEU D 16 16.58 -0.47 -2.73
CA LEU D 16 17.06 0.65 -3.51
C LEU D 16 17.73 1.67 -2.60
N ILE D 17 19.00 1.95 -2.86
CA ILE D 17 19.72 2.94 -2.07
C ILE D 17 19.90 4.23 -2.87
N PHE D 18 19.08 5.22 -2.53
CA PHE D 18 19.17 6.54 -3.14
C PHE D 18 20.43 7.25 -2.62
N LEU D 19 21.26 7.69 -3.56
CA LEU D 19 22.59 8.21 -3.24
C LEU D 19 22.83 9.55 -3.92
N ASP D 20 23.42 10.49 -3.19
CA ASP D 20 23.96 11.71 -3.76
C ASP D 20 25.28 12.05 -3.10
N LEU D 21 26.18 12.63 -3.88
CA LEU D 21 27.44 13.15 -3.36
C LEU D 21 27.52 14.64 -3.61
N GLU D 22 28.12 15.35 -2.66
CA GLU D 22 28.64 16.68 -2.94
C GLU D 22 30.15 16.58 -3.10
N ALA D 23 30.72 17.44 -3.95
CA ALA D 23 32.16 17.39 -4.24
C ALA D 23 32.77 18.79 -4.41
N THR D 24 34.09 18.82 -4.58
CA THR D 24 34.86 20.07 -4.67
C THR D 24 34.67 20.81 -5.99
N GLY D 25 34.21 20.08 -7.02
CA GLY D 25 34.00 20.67 -8.33
C GLY D 25 33.60 19.67 -9.40
N LEU D 26 33.84 20.03 -10.65
CA LEU D 26 33.44 19.23 -11.80
C LEU D 26 34.50 18.19 -12.19
N PRO D 27 34.11 17.13 -12.93
CA PRO D 27 35.01 16.01 -13.26
C PRO D 27 36.40 16.40 -13.77
N SER D 28 36.49 17.43 -14.61
CA SER D 28 37.77 17.89 -15.17
C SER D 28 38.75 18.38 -14.09
N SER D 29 38.22 18.78 -12.93
CA SER D 29 39.05 19.27 -11.83
C SER D 29 39.60 18.14 -10.94
N ARG D 30 39.30 16.90 -11.29
CA ARG D 30 39.64 15.71 -10.49
C ARG D 30 39.12 15.89 -9.06
N PRO D 31 37.79 15.95 -8.91
CA PRO D 31 37.19 16.40 -7.65
C PRO D 31 37.23 15.36 -6.52
N GLU D 32 37.02 15.82 -5.30
CA GLU D 32 36.97 14.95 -4.13
C GLU D 32 35.64 15.13 -3.39
N VAL D 33 35.12 14.03 -2.85
CA VAL D 33 33.85 14.05 -2.13
C VAL D 33 33.92 14.86 -0.83
N THR D 34 32.88 15.67 -0.60
CA THR D 34 32.76 16.49 0.61
C THR D 34 31.53 16.13 1.44
N GLU D 35 30.60 15.42 0.83
CA GLU D 35 29.37 15.00 1.49
C GLU D 35 28.76 13.81 0.77
N LEU D 36 28.28 12.84 1.54
CA LEU D 36 27.55 11.70 0.97
C LEU D 36 26.27 11.44 1.74
N CYS D 37 25.23 11.04 1.01
CA CYS D 37 24.01 10.58 1.64
C CYS D 37 23.54 9.30 0.97
N LEU D 38 23.18 8.33 1.82
CA LEU D 38 22.57 7.08 1.38
C LEU D 38 21.21 6.98 2.04
N LEU D 39 20.19 6.66 1.25
CA LEU D 39 18.85 6.40 1.79
C LEU D 39 18.37 5.04 1.30
N ALA D 40 18.41 4.05 2.18
CA ALA D 40 18.04 2.69 1.82
C ALA D 40 16.56 2.43 2.05
N VAL D 41 15.89 1.99 1.00
CA VAL D 41 14.45 1.73 1.02
C VAL D 41 14.19 0.32 0.49
N HIS D 42 13.38 -0.45 1.21
CA HIS D 42 13.01 -1.78 0.75
C HIS D 42 12.04 -1.66 -0.43
N ARG D 43 12.17 -2.57 -1.38
CA ARG D 43 11.30 -2.66 -2.57
C ARG D 43 9.81 -2.50 -2.22
N ARG D 44 9.38 -3.15 -1.13
CA ARG D 44 7.98 -3.13 -0.69
C ARG D 44 7.48 -1.74 -0.31
N ALA D 45 8.36 -0.93 0.27
CA ALA D 45 8.03 0.45 0.63
C ALA D 45 7.76 1.32 -0.61
N LEU D 46 8.48 1.05 -1.68
CA LEU D 46 8.25 1.74 -2.95
C LEU D 46 7.04 1.22 -3.71
N GLU D 47 6.86 -0.10 -3.72
CA GLU D 47 5.68 -0.74 -4.31
C GLU D 47 4.38 -0.22 -3.71
N ASN D 48 4.39 -0.03 -2.39
CA ASN D 48 3.21 0.39 -1.64
C ASN D 48 3.06 1.90 -1.48
N THR D 49 3.83 2.66 -2.27
CA THR D 49 3.60 4.09 -2.43
C THR D 49 2.42 4.27 -3.40
N SER D 50 1.55 5.23 -3.09
CA SER D 50 0.42 5.55 -3.95
C SER D 50 0.91 6.05 -5.31
N ILE D 51 0.35 5.50 -6.39
CA ILE D 51 0.64 5.97 -7.73
C ILE D 51 0.09 7.39 -7.88
N SER D 52 0.89 8.28 -8.45
CA SER D 52 0.56 9.69 -8.56
C SER D 52 -0.66 9.94 -9.44
N GLN D 53 -1.61 10.70 -8.89
CA GLN D 53 -2.79 11.14 -9.63
C GLN D 53 -3.02 12.63 -9.37
N GLY D 54 -3.51 13.33 -10.39
CA GLY D 54 -3.73 14.77 -10.30
C GLY D 54 -2.72 15.52 -11.16
N HIS D 55 -3.02 16.79 -11.43
CA HIS D 55 -2.17 17.63 -12.26
C HIS D 55 -2.01 19.03 -11.65
N PRO D 56 -0.95 19.23 -10.84
CA PRO D 56 0.07 18.25 -10.48
C PRO D 56 -0.36 17.32 -9.33
N PRO D 57 0.27 16.14 -9.22
CA PRO D 57 0.05 15.31 -8.04
C PRO D 57 0.79 15.88 -6.84
N PRO D 58 0.33 15.57 -5.61
CA PRO D 58 1.10 15.98 -4.43
C PRO D 58 2.46 15.29 -4.39
N VAL D 59 3.42 15.91 -3.71
CA VAL D 59 4.72 15.28 -3.48
C VAL D 59 4.49 14.06 -2.58
N PRO D 60 4.93 12.87 -3.02
CA PRO D 60 4.68 11.63 -2.29
C PRO D 60 5.27 11.65 -0.89
N ARG D 61 4.59 10.96 0.03
CA ARG D 61 5.08 10.78 1.39
C ARG D 61 6.24 9.78 1.37
N PRO D 62 7.37 10.12 2.02
CA PRO D 62 8.46 9.17 2.15
C PRO D 62 8.01 7.93 2.92
N PRO D 63 8.57 6.75 2.57
CA PRO D 63 8.29 5.52 3.32
C PRO D 63 8.68 5.67 4.79
N ARG D 64 7.88 5.08 5.68
CA ARG D 64 8.17 5.10 7.11
C ARG D 64 9.50 4.39 7.42
N VAL D 65 9.66 3.18 6.90
CA VAL D 65 10.83 2.37 7.18
C VAL D 65 11.96 2.69 6.20
N VAL D 66 12.97 3.37 6.73
CA VAL D 66 14.08 3.90 5.96
C VAL D 66 15.36 3.84 6.80
N ASP D 67 16.47 3.45 6.16
CA ASP D 67 17.79 3.61 6.75
C ASP D 67 18.47 4.79 6.07
N LYS D 68 19.01 5.71 6.87
CA LYS D 68 19.64 6.89 6.33
C LYS D 68 21.04 7.11 6.90
N LEU D 69 21.97 7.44 6.00
CA LEU D 69 23.32 7.84 6.37
C LEU D 69 23.67 9.11 5.63
N SER D 70 24.04 10.14 6.37
CA SER D 70 24.52 11.38 5.77
C SER D 70 25.79 11.83 6.48
N LEU D 71 26.87 11.96 5.71
CA LEU D 71 28.19 12.27 6.28
C LEU D 71 28.88 13.40 5.55
N CYS D 72 29.52 14.28 6.32
CA CYS D 72 30.36 15.33 5.75
C CYS D 72 31.83 14.89 5.80
N ILE D 73 32.54 15.16 4.71
CA ILE D 73 33.89 14.60 4.50
C ILE D 73 34.86 15.72 4.13
N ALA D 74 35.97 15.79 4.86
CA ALA D 74 37.03 16.74 4.53
C ALA D 74 37.78 16.26 3.29
N PRO D 75 37.79 17.08 2.22
CA PRO D 75 38.55 16.74 1.03
C PRO D 75 40.01 17.11 1.18
N GLY D 76 40.88 16.51 0.36
CA GLY D 76 42.30 16.88 0.34
C GLY D 76 42.53 18.23 -0.30
N LYS D 77 41.71 18.57 -1.28
CA LYS D 77 41.83 19.83 -2.03
C LYS D 77 40.65 20.74 -1.72
N ALA D 78 40.84 22.04 -1.94
CA ALA D 78 39.78 23.04 -1.70
C ALA D 78 38.61 22.90 -2.67
N CYS D 79 37.43 23.32 -2.24
CA CYS D 79 36.26 23.41 -3.11
C CYS D 79 36.45 24.61 -4.02
N SER D 80 35.92 24.52 -5.24
CA SER D 80 35.90 25.67 -6.13
C SER D 80 34.97 26.74 -5.52
N PRO D 81 35.20 28.03 -5.84
CA PRO D 81 34.28 29.05 -5.31
C PRO D 81 32.81 28.75 -5.62
N GLY D 82 32.55 28.26 -6.84
CA GLY D 82 31.19 27.91 -7.27
C GLY D 82 30.57 26.74 -6.54
N ALA D 83 31.39 25.72 -6.27
CA ALA D 83 30.93 24.54 -5.52
C ALA D 83 30.58 24.89 -4.07
N SER D 84 31.39 25.73 -3.44
CA SER D 84 31.11 26.22 -2.09
C SER D 84 29.82 27.03 -2.06
N GLU D 85 29.67 27.89 -3.06
CA GLU D 85 28.48 28.74 -3.21
C GLU D 85 27.19 27.92 -3.21
N ILE D 86 27.15 26.88 -4.03
CA ILE D 86 25.94 26.08 -4.21
C ILE D 86 25.70 25.05 -3.11
N THR D 87 26.77 24.52 -2.54
CA THR D 87 26.67 23.46 -1.53
C THR D 87 26.66 23.98 -0.09
N GLY D 88 27.18 25.19 0.11
CA GLY D 88 27.29 25.76 1.45
C GLY D 88 28.44 25.16 2.26
N LEU D 89 29.27 24.35 1.59
CA LEU D 89 30.38 23.66 2.23
C LEU D 89 31.72 24.20 1.72
N SER D 90 32.71 24.21 2.62
CA SER D 90 34.08 24.54 2.24
C SER D 90 35.02 23.61 2.99
N LYS D 91 36.20 23.39 2.40
CA LYS D 91 37.25 22.60 3.02
C LYS D 91 37.61 23.16 4.41
N ALA D 92 37.67 24.48 4.49
CA ALA D 92 38.02 25.19 5.73
C ALA D 92 37.05 24.88 6.88
N GLU D 93 35.75 24.98 6.59
CA GLU D 93 34.72 24.77 7.58
C GLU D 93 34.61 23.29 7.96
N LEU D 94 34.73 22.43 6.96
CA LEU D 94 34.76 20.97 7.19
C LEU D 94 35.88 20.57 8.15
N GLU D 95 37.05 21.20 8.00
CA GLU D 95 38.22 20.86 8.83
C GLU D 95 38.15 21.42 10.23
N VAL D 96 37.70 22.67 10.37
CA VAL D 96 37.56 23.30 11.68
C VAL D 96 36.50 22.59 12.52
N GLN D 97 35.57 21.90 11.85
CA GLN D 97 34.52 21.12 12.51
C GLN D 97 34.89 19.63 12.60
N GLY D 98 36.17 19.33 12.44
CA GLY D 98 36.72 18.01 12.71
C GLY D 98 36.36 16.86 11.79
N ARG D 99 35.96 17.19 10.55
CA ARG D 99 35.63 16.14 9.57
C ARG D 99 36.86 15.38 9.10
N GLN D 100 36.70 14.08 8.96
CA GLN D 100 37.77 13.19 8.53
C GLN D 100 37.72 12.96 7.02
N ARG D 101 38.84 12.51 6.46
CA ARG D 101 38.97 12.26 5.03
C ARG D 101 38.15 11.05 4.60
N PHE D 102 38.05 10.85 3.29
CA PHE D 102 37.51 9.61 2.75
C PHE D 102 38.56 8.53 2.98
N ASP D 103 38.41 7.80 4.08
CA ASP D 103 39.44 6.88 4.54
C ASP D 103 38.93 5.46 4.80
N ASP D 104 39.81 4.59 5.29
CA ASP D 104 39.47 3.20 5.57
C ASP D 104 38.28 3.02 6.51
N ASN D 105 38.20 3.83 7.56
CA ASN D 105 37.10 3.76 8.51
C ASN D 105 35.73 4.05 7.87
N LEU D 106 35.72 4.99 6.93
CA LEU D 106 34.50 5.33 6.18
C LEU D 106 34.03 4.15 5.31
N ALA D 107 34.97 3.43 4.71
CA ALA D 107 34.65 2.23 3.93
C ALA D 107 34.02 1.14 4.80
N ILE D 108 34.55 1.00 6.02
CA ILE D 108 34.02 0.06 7.03
C ILE D 108 32.60 0.48 7.43
N LEU D 109 32.42 1.79 7.63
CA LEU D 109 31.12 2.36 7.97
C LEU D 109 30.08 2.06 6.89
N LEU D 110 30.46 2.29 5.63
CA LEU D 110 29.60 2.01 4.48
C LEU D 110 29.30 0.53 4.34
N ARG D 111 30.32 -0.31 4.52
CA ARG D 111 30.14 -1.77 4.46
C ARG D 111 29.08 -2.24 5.46
N ALA D 112 29.22 -1.79 6.71
CA ALA D 112 28.29 -2.16 7.79
C ALA D 112 26.87 -1.66 7.53
N PHE D 113 26.77 -0.49 6.90
CA PHE D 113 25.48 0.08 6.50
C PHE D 113 24.83 -0.76 5.40
N LEU D 114 25.62 -1.10 4.38
CA LEU D 114 25.13 -1.90 3.26
C LEU D 114 24.73 -3.31 3.69
N GLN D 115 25.51 -3.88 4.61
CA GLN D 115 25.27 -5.20 5.18
C GLN D 115 23.91 -5.31 5.88
N ARG D 116 23.41 -4.20 6.42
CA ARG D 116 22.09 -4.17 7.07
C ARG D 116 20.93 -4.21 6.09
N GLN D 117 21.24 -4.12 4.80
CA GLN D 117 20.22 -4.08 3.77
C GLN D 117 20.06 -5.44 3.10
N PRO D 118 18.80 -5.89 2.91
CA PRO D 118 18.57 -7.14 2.17
C PRO D 118 19.08 -7.04 0.74
N GLN D 119 19.73 -8.10 0.26
CA GLN D 119 20.31 -8.14 -1.08
C GLN D 119 19.35 -8.83 -2.06
N PRO D 120 19.45 -8.52 -3.37
CA PRO D 120 20.35 -7.59 -4.05
C PRO D 120 20.04 -6.13 -3.75
N CYS D 121 21.09 -5.31 -3.71
N CYS D 121 21.08 -5.30 -3.83
CA CYS D 121 20.97 -3.86 -3.50
CA CYS D 121 20.97 -3.89 -3.51
C CYS D 121 21.27 -3.13 -4.80
C CYS D 121 21.40 -3.02 -4.69
N CYS D 122 20.59 -2.01 -5.00
CA CYS D 122 20.86 -1.14 -6.15
C CYS D 122 20.97 0.32 -5.75
N LEU D 123 22.14 0.92 -6.02
CA LEU D 123 22.34 2.34 -5.81
C LEU D 123 21.59 3.11 -6.90
N VAL D 124 20.92 4.18 -6.51
CA VAL D 124 20.20 5.04 -7.44
C VAL D 124 20.71 6.47 -7.28
N ALA D 125 21.30 7.02 -8.33
CA ALA D 125 21.84 8.37 -8.28
C ALA D 125 21.55 9.13 -9.56
N HIS D 126 21.25 10.42 -9.41
CA HIS D 126 20.96 11.29 -10.53
C HIS D 126 22.26 11.68 -11.20
N ASN D 127 22.35 11.42 -12.51
CA ASN D 127 23.60 11.60 -13.27
C ASN D 127 24.70 10.73 -12.67
N GLY D 128 24.29 9.58 -12.12
CA GLY D 128 25.19 8.64 -11.46
C GLY D 128 26.23 8.06 -12.38
N ASP D 129 25.84 7.80 -13.64
CA ASP D 129 26.75 7.19 -14.61
C ASP D 129 27.91 8.09 -15.02
N ARG D 130 27.70 9.40 -15.02
CA ARG D 130 28.73 10.36 -15.40
C ARG D 130 29.46 10.97 -14.20
N TYR D 131 28.82 10.98 -13.04
CA TYR D 131 29.37 11.69 -11.88
C TYR D 131 29.50 10.86 -10.61
N ASP D 132 28.38 10.56 -9.96
CA ASP D 132 28.40 9.95 -8.63
C ASP D 132 29.10 8.59 -8.57
N PHE D 133 28.76 7.69 -9.49
CA PHE D 133 29.34 6.33 -9.46
C PHE D 133 30.85 6.32 -9.79
N PRO D 134 31.27 6.97 -10.91
CA PRO D 134 32.71 7.03 -11.19
C PRO D 134 33.54 7.74 -10.10
N LEU D 135 32.99 8.79 -9.49
CA LEU D 135 33.69 9.52 -8.42
C LEU D 135 33.84 8.63 -7.18
N LEU D 136 32.76 7.98 -6.78
CA LEU D 136 32.78 7.05 -5.65
C LEU D 136 33.77 5.90 -5.88
N GLN D 137 33.83 5.42 -7.12
CA GLN D 137 34.77 4.37 -7.51
C GLN D 137 36.23 4.81 -7.34
N THR D 138 36.50 6.07 -7.69
CA THR D 138 37.82 6.67 -7.54
C THR D 138 38.23 6.84 -6.07
N GLU D 139 37.29 7.30 -5.24
CA GLU D 139 37.54 7.49 -3.81
C GLU D 139 37.83 6.16 -3.10
N LEU D 140 37.07 5.12 -3.44
CA LEU D 140 37.27 3.79 -2.88
C LEU D 140 38.56 3.13 -3.39
N ALA D 141 38.96 3.45 -4.61
CA ALA D 141 40.19 2.92 -5.21
C ALA D 141 41.47 3.41 -4.49
N ARG D 142 41.38 4.57 -3.85
CA ARG D 142 42.48 5.12 -3.06
C ARG D 142 42.73 4.32 -1.78
N LEU D 143 41.74 3.56 -1.36
CA LEU D 143 41.79 2.86 -0.07
C LEU D 143 42.42 1.48 -0.19
N SER D 144 43.09 1.05 0.88
CA SER D 144 43.77 -0.23 0.92
C SER D 144 42.79 -1.40 1.05
N THR D 145 41.73 -1.19 1.83
CA THR D 145 40.70 -2.21 2.03
C THR D 145 39.79 -2.34 0.81
N PRO D 146 39.47 -3.59 0.40
CA PRO D 146 38.57 -3.87 -0.73
C PRO D 146 37.25 -3.10 -0.69
N SER D 147 36.75 -2.74 -1.87
CA SER D 147 35.55 -1.90 -2.00
C SER D 147 34.32 -2.58 -1.40
N PRO D 148 33.63 -1.87 -0.49
CA PRO D 148 32.38 -2.35 0.10
C PRO D 148 31.20 -2.33 -0.88
N LEU D 149 31.41 -1.77 -2.06
CA LEU D 149 30.34 -1.67 -3.08
C LEU D 149 30.41 -2.74 -4.16
N ASP D 150 31.39 -3.65 -4.05
CA ASP D 150 31.44 -4.83 -4.89
C ASP D 150 30.31 -5.77 -4.46
N GLY D 151 29.53 -6.23 -5.43
CA GLY D 151 28.35 -7.05 -5.14
C GLY D 151 27.06 -6.24 -5.05
N THR D 152 27.19 -4.91 -5.14
CA THR D 152 26.03 -4.04 -5.21
C THR D 152 25.80 -3.61 -6.66
N PHE D 153 24.55 -3.31 -7.00
CA PHE D 153 24.19 -2.83 -8.32
C PHE D 153 24.06 -1.31 -8.31
N CYS D 154 23.95 -0.72 -9.48
CA CYS D 154 23.77 0.73 -9.61
C CYS D 154 22.95 1.09 -10.83
N VAL D 155 22.25 2.21 -10.75
CA VAL D 155 21.41 2.68 -11.84
C VAL D 155 21.33 4.22 -11.84
N ASP D 156 21.33 4.81 -13.03
CA ASP D 156 21.22 6.26 -13.18
C ASP D 156 19.75 6.64 -13.35
N SER D 157 19.26 7.50 -12.47
CA SER D 157 17.85 7.88 -12.45
C SER D 157 17.43 8.76 -13.63
N ILE D 158 18.39 9.34 -14.33
CA ILE D 158 18.11 10.13 -15.54
C ILE D 158 17.58 9.22 -16.65
N ALA D 159 18.28 8.11 -16.89
CA ALA D 159 17.85 7.10 -17.85
C ALA D 159 16.52 6.44 -17.41
N ALA D 160 16.33 6.31 -16.09
CA ALA D 160 15.09 5.79 -15.54
C ALA D 160 13.92 6.68 -15.92
N LEU D 161 14.01 7.96 -15.55
CA LEU D 161 12.94 8.93 -15.81
C LEU D 161 12.75 9.23 -17.30
N LYS D 162 13.82 9.13 -18.08
CA LYS D 162 13.73 9.26 -19.53
C LYS D 162 12.83 8.16 -20.11
N ALA D 163 13.02 6.94 -19.60
CA ALA D 163 12.20 5.80 -20.01
C ALA D 163 10.77 5.92 -19.51
N LEU D 164 10.62 6.34 -18.24
CA LEU D 164 9.30 6.44 -17.60
C LEU D 164 8.45 7.59 -18.15
N GLU D 165 9.06 8.76 -18.31
CA GLU D 165 8.37 9.94 -18.83
C GLU D 165 7.98 9.78 -20.31
N GLN D 166 8.78 9.01 -21.05
CA GLN D 166 8.51 8.73 -22.47
C GLN D 166 7.86 7.35 -22.66
N ALA D 167 7.17 6.88 -21.63
CA ALA D 167 6.44 5.60 -21.70
C ALA D 167 4.95 5.83 -21.94
N LYS D 177 12.67 20.17 -21.08
CA LYS D 177 13.74 19.52 -21.84
C LYS D 177 14.89 19.09 -20.93
N SER D 178 15.11 19.83 -19.86
CA SER D 178 16.21 19.57 -18.93
C SER D 178 15.91 18.39 -18.00
N TYR D 179 16.92 17.55 -17.80
CA TYR D 179 16.79 16.40 -16.92
C TYR D 179 17.61 16.55 -15.63
N SER D 180 17.95 17.80 -15.30
CA SER D 180 18.54 18.10 -14.00
C SER D 180 17.53 17.77 -12.91
N LEU D 181 18.03 17.43 -11.73
CA LEU D 181 17.17 17.02 -10.61
C LEU D 181 16.05 18.02 -10.34
N GLY D 182 16.41 19.30 -10.24
CA GLY D 182 15.46 20.37 -9.98
C GLY D 182 14.40 20.49 -11.06
N SER D 183 14.83 20.43 -12.32
CA SER D 183 13.93 20.53 -13.47
C SER D 183 12.83 19.47 -13.46
N ILE D 184 13.22 18.23 -13.19
CA ILE D 184 12.28 17.11 -13.13
C ILE D 184 11.29 17.28 -11.97
N TYR D 185 11.80 17.60 -10.78
CA TYR D 185 10.97 17.81 -9.59
C TYR D 185 9.89 18.87 -9.80
N THR D 186 10.25 20.02 -10.37
CA THR D 186 9.29 21.09 -10.60
C THR D 186 8.29 20.75 -11.71
N ARG D 187 8.74 20.01 -12.72
CA ARG D 187 7.84 19.53 -13.77
C ARG D 187 6.76 18.59 -13.23
N LEU D 188 7.17 17.68 -12.35
CA LEU D 188 6.26 16.69 -11.78
C LEU D 188 5.31 17.30 -10.74
N TYR D 189 5.85 18.15 -9.87
CA TYR D 189 5.11 18.61 -8.70
C TYR D 189 4.77 20.10 -8.65
N TRP D 190 5.19 20.84 -9.67
CA TRP D 190 4.96 22.30 -9.78
C TRP D 190 5.45 23.05 -8.55
N GLN D 191 6.57 22.60 -8.00
CA GLN D 191 7.14 23.13 -6.77
C GLN D 191 8.66 23.10 -6.86
N ALA D 192 9.30 24.06 -6.19
CA ALA D 192 10.76 24.08 -6.12
C ALA D 192 11.26 23.09 -5.07
N PRO D 193 12.32 22.33 -5.40
CA PRO D 193 12.93 21.43 -4.43
C PRO D 193 13.54 22.19 -3.24
N THR D 194 13.62 21.54 -2.09
CA THR D 194 14.25 22.15 -0.93
C THR D 194 15.66 21.62 -0.73
N ASP D 195 16.54 22.46 -0.19
CA ASP D 195 17.91 22.07 0.14
C ASP D 195 18.68 21.52 -1.06
N SER D 196 18.59 22.24 -2.18
CA SER D 196 19.31 21.91 -3.40
C SER D 196 20.82 21.93 -3.17
N HIS D 197 21.51 20.96 -3.77
CA HIS D 197 22.97 20.84 -3.71
C HIS D 197 23.51 20.58 -2.31
N THR D 198 22.69 19.90 -1.50
CA THR D 198 23.13 19.25 -0.28
C THR D 198 22.87 17.77 -0.49
N ALA D 199 23.75 16.90 0.01
CA ALA D 199 23.65 15.46 -0.28
C ALA D 199 22.30 14.89 0.14
N GLU D 200 21.87 15.17 1.38
CA GLU D 200 20.61 14.65 1.89
C GLU D 200 19.40 15.29 1.23
N GLY D 201 19.47 16.60 1.00
CA GLY D 201 18.41 17.34 0.32
C GLY D 201 18.15 16.78 -1.07
N ASP D 202 19.23 16.51 -1.81
CA ASP D 202 19.13 15.97 -3.17
C ASP D 202 18.64 14.53 -3.19
N VAL D 203 19.04 13.75 -2.18
CA VAL D 203 18.56 12.38 -2.02
C VAL D 203 17.04 12.35 -1.77
N LEU D 204 16.57 13.27 -0.94
CA LEU D 204 15.14 13.36 -0.61
C LEU D 204 14.34 13.82 -1.82
N THR D 205 14.92 14.75 -2.58
CA THR D 205 14.33 15.20 -3.83
C THR D 205 14.28 14.06 -4.85
N LEU D 206 15.38 13.30 -4.92
CA LEU D 206 15.47 12.15 -5.82
C LEU D 206 14.46 11.05 -5.47
N LEU D 207 14.29 10.80 -4.17
CA LEU D 207 13.28 9.84 -3.70
C LEU D 207 11.87 10.25 -4.14
N SER D 208 11.54 11.52 -3.96
CA SER D 208 10.21 12.05 -4.35
C SER D 208 9.90 11.81 -5.82
N ILE D 209 10.89 12.05 -6.67
CA ILE D 209 10.77 11.86 -8.10
C ILE D 209 10.60 10.38 -8.47
N CYS D 210 11.34 9.51 -7.78
CA CYS D 210 11.27 8.06 -8.00
C CYS D 210 9.99 7.43 -7.45
N GLN D 211 9.31 8.15 -6.56
CA GLN D 211 8.03 7.70 -6.02
C GLN D 211 6.85 8.10 -6.91
N TRP D 212 7.12 8.86 -7.97
CA TRP D 212 6.09 9.31 -8.94
C TRP D 212 5.41 8.13 -9.63
N LYS D 213 6.19 7.22 -10.21
CA LYS D 213 5.68 5.97 -10.76
C LYS D 213 6.52 4.82 -10.19
N PRO D 214 6.28 4.47 -8.92
CA PRO D 214 7.25 3.65 -8.17
C PRO D 214 7.31 2.17 -8.60
N GLN D 215 6.18 1.62 -9.04
CA GLN D 215 6.16 0.25 -9.56
C GLN D 215 6.85 0.18 -10.92
N ALA D 216 6.60 1.19 -11.76
CA ALA D 216 7.24 1.29 -13.07
C ALA D 216 8.74 1.56 -12.95
N LEU D 217 9.11 2.36 -11.95
CA LEU D 217 10.52 2.61 -11.63
C LEU D 217 11.23 1.30 -11.26
N LEU D 218 10.66 0.57 -10.31
CA LEU D 218 11.23 -0.71 -9.84
C LEU D 218 11.43 -1.74 -10.94
N GLN D 219 10.45 -1.82 -11.85
CA GLN D 219 10.53 -2.72 -13.00
C GLN D 219 11.69 -2.35 -13.92
N TRP D 220 11.84 -1.04 -14.17
CA TRP D 220 12.94 -0.54 -15.01
C TRP D 220 14.30 -0.78 -14.35
N VAL D 221 14.38 -0.59 -13.04
CA VAL D 221 15.60 -0.83 -12.27
C VAL D 221 16.04 -2.30 -12.38
N ASP D 222 15.11 -3.22 -12.11
CA ASP D 222 15.39 -4.66 -12.21
C ASP D 222 15.92 -5.06 -13.58
N GLU D 223 15.43 -4.41 -14.62
CA GLU D 223 15.82 -4.69 -16.00
C GLU D 223 17.17 -4.10 -16.37
N HIS D 224 17.50 -2.94 -15.80
CA HIS D 224 18.62 -2.13 -16.28
C HIS D 224 19.76 -1.92 -15.29
N ALA D 225 19.61 -2.43 -14.07
CA ALA D 225 20.65 -2.33 -13.04
C ALA D 225 21.92 -3.08 -13.46
N ARG D 226 23.07 -2.43 -13.28
CA ARG D 226 24.36 -3.06 -13.55
C ARG D 226 25.23 -3.08 -12.29
N PRO D 227 26.12 -4.09 -12.17
CA PRO D 227 27.01 -4.18 -11.01
C PRO D 227 27.91 -2.95 -10.90
N PHE D 228 28.06 -2.43 -9.69
CA PHE D 228 28.90 -1.26 -9.44
C PHE D 228 30.37 -1.51 -9.80
N SER D 229 30.79 -2.77 -9.72
CA SER D 229 32.15 -3.17 -10.08
C SER D 229 32.47 -3.01 -11.57
N THR D 230 31.43 -2.81 -12.40
CA THR D 230 31.62 -2.53 -13.82
C THR D 230 31.82 -1.04 -14.09
N VAL D 231 31.58 -0.21 -13.07
CA VAL D 231 31.74 1.25 -13.19
C VAL D 231 33.22 1.63 -13.20
N LYS D 232 33.64 2.27 -14.30
CA LYS D 232 35.00 2.76 -14.44
C LYS D 232 35.22 4.00 -13.57
N PRO D 233 36.41 4.13 -12.96
CA PRO D 233 36.67 5.29 -12.10
C PRO D 233 36.71 6.58 -12.89
N MET D 234 36.29 7.69 -12.28
CA MET D 234 36.31 9.00 -12.92
C MET D 234 37.71 9.37 -13.40
N TYR D 235 38.70 9.19 -12.52
CA TYR D 235 40.09 9.50 -12.83
C TYR D 235 41.05 8.63 -11.99
N GLY D 236 42.32 8.61 -12.40
CA GLY D 236 43.36 7.90 -11.67
C GLY D 236 43.19 6.40 -11.67
LI LI E . -13.54 -11.26 5.48
P TMP F . -12.18 -10.71 7.55
O1P TMP F . -12.54 -11.70 8.64
O2P TMP F . -11.07 -11.10 6.62
O3P TMP F . -13.40 -10.42 6.77
O5' TMP F . -11.74 -9.37 8.31
C5' TMP F . -11.73 -8.09 7.67
C4' TMP F . -10.39 -7.39 7.83
O4' TMP F . -9.90 -7.43 9.18
C3' TMP F . -9.31 -8.05 7.01
O3' TMP F . -9.28 -7.51 5.69
C2' TMP F . -8.02 -7.76 7.75
C1' TMP F . -8.47 -7.56 9.20
N1 TMP F . -8.02 -8.71 10.00
C2 TMP F . -6.72 -8.71 10.60
O2 TMP F . -5.96 -7.72 10.45
N3 TMP F . -6.28 -9.75 11.32
C4 TMP F . -7.05 -10.84 11.51
O4 TMP F . -6.62 -11.80 12.19
C5 TMP F . -8.41 -10.89 10.89
C5M TMP F . -9.31 -12.08 11.07
C6 TMP F . -8.83 -9.78 10.15
LI LI G . 10.58 9.31 20.15
P TMP H . 9.35 8.32 21.97
O1P TMP H . 9.00 9.55 22.77
O2P TMP H . 8.45 7.93 20.83
O3P TMP H . 10.73 8.47 21.45
O5' TMP H . 9.34 7.09 23.01
C5' TMP H . 10.19 5.96 22.81
C4' TMP H . 9.40 4.65 22.84
O4' TMP H . 8.65 4.51 24.05
C3' TMP H . 8.40 4.53 21.70
O3' TMP H . 9.00 3.91 20.57
C2' TMP H . 7.31 3.65 22.27
C1' TMP H . 7.37 3.92 23.78
N1 TMP H . 6.27 4.83 24.17
C2 TMP H . 4.97 4.30 24.41
O2 TMP H . 4.74 3.07 24.27
N3 TMP H . 3.95 5.10 24.77
C4 TMP H . 4.13 6.43 24.94
O4 TMP H . 3.17 7.15 25.28
C5 TMP H . 5.48 7.00 24.70
C5M TMP H . 5.75 8.48 24.87
C6 TMP H . 6.50 6.14 24.32
LI LI I . -25.44 -17.93 -20.78
P TMP J . -26.78 -18.64 -22.86
O1P TMP J . -25.88 -19.53 -23.68
O2P TMP J . -27.58 -19.26 -21.75
O3P TMP J . -25.96 -17.55 -22.30
O5' TMP J . -27.83 -17.99 -23.89
C5' TMP J . -28.45 -16.73 -23.61
C4' TMP J . -29.96 -16.79 -23.83
O4' TMP J . -30.29 -17.35 -25.10
C3' TMP J . -30.67 -17.64 -22.79
O3' TMP J . -31.05 -16.87 -21.65
C2' TMP J . -31.91 -18.12 -23.54
C1' TMP J . -31.48 -18.14 -25.00
N1 TMP J . -31.25 -19.54 -25.41
C2 TMP J . -32.35 -20.35 -25.83
O2 TMP J . -33.51 -19.88 -25.86
N3 TMP J . -32.16 -21.63 -26.21
C4 TMP J . -30.95 -22.20 -26.19
O4 TMP J . -30.81 -23.39 -26.55
C5 TMP J . -29.78 -21.38 -25.76
C5M TMP J . -28.39 -21.96 -25.73
C6 TMP J . -30.00 -20.06 -25.38
LI LI K . 23.79 17.50 -5.24
P TMP L . 25.09 18.33 -7.08
O1P TMP L . 24.06 18.50 -8.16
O2P TMP L . 25.27 19.45 -6.10
O3P TMP L . 24.78 17.09 -6.33
O5' TMP L . 26.50 18.12 -7.83
C5' TMP L . 27.58 17.43 -7.18
C4' TMP L . 28.86 18.25 -7.20
O4' TMP L . 29.16 18.72 -8.53
C3' TMP L . 28.77 19.51 -6.34
O3' TMP L . 29.17 19.24 -5.01
C2' TMP L . 29.73 20.48 -7.01
C1' TMP L . 29.76 20.03 -8.48
N1 TMP L . 29.01 21.03 -9.27
C2 TMP L . 29.68 22.20 -9.75
O2 TMP L . 30.89 22.39 -9.50
N3 TMP L . 29.02 23.13 -10.47
C4 TMP L . 27.72 22.99 -10.76
O4 TMP L . 27.12 23.87 -11.43
C5 TMP L . 26.99 21.79 -10.27
C5M TMP L . 25.53 21.58 -10.57
C6 TMP L . 27.71 20.84 -9.53
#